data_5ID6
#
_entry.id   5ID6
#
_cell.length_a   168.352
_cell.length_b   83.011
_cell.length_c   124.086
_cell.angle_alpha   90.00
_cell.angle_beta   106.72
_cell.angle_gamma   90.00
#
_symmetry.space_group_name_H-M   'C 1 2 1'
#
loop_
_entity.id
_entity.type
_entity.pdbx_description
1 polymer Cpf1
2 polymer "RNA (5'-R(P*AP*AP*UP*UP*UP*CP*UP*AP*CP*UP*AP*AP*GP*UP*GP*UP*AP*GP*AP*UP*C)-3')"
3 non-polymer 'MAGNESIUM ION'
4 water water
#
loop_
_entity_poly.entity_id
_entity_poly.type
_entity_poly.pdbx_seq_one_letter_code
_entity_poly.pdbx_strand_id
1 'polypeptide(L)'
;AASKLEKFTNCYSLSKTLRFKAIPVGKTQENIDNKRLLVEDEKRAEDYKGVKKLLDRYYLSFINDVLHSIKLKNLNNYIS
LFRKKTRTEKENKELENLEINLRKEIAKAFKGAAGYKSLFKKDIIETILPEAADDKDEIALVNSFNGFTTAFTGFFDNRE
N(MSE)FSEEAKSTSIAFRCINENLTRYISN(MSE)DIFEKVDAIFDKHEVQEIKEKILNSDYDVEDFFEGEFFNFVLTQ
EGIDVYNAIIGGFVTESGEKIKGLNEYINLYNAKTKQALPKFKPLYKQVLSDRESLSFYGEGYTSDEEVLEVFRNTLNKN
SEIFSSIKKLEKLFKNFDEYSSAGIFVKNGPAISTISKDIFGEWNLIRDKWNAEYDDIHLKKKAVVTEKYEDDRRKSFKK
IGSFSLEQLQEYADADLSVVEKLKEIIIQKVDEIYKVYGSSEKLFDADFVLEKSLKKNDAVVAI(MSE)KDLLDSVKSFE
NYIKAFFGEGKETNRDESFYGDFVLAYDILLKVDHIYDAIRNYVTQKPYSKDKFKLYFQNPQF(MSE)GGWDKDKETDYR
ATILRYGSKYYLAI(MSE)DKKYAKCLQKIDKDDVNGNYEKINYKLLPGPNK(MSE)LPKVFFSKKW(MSE)AYYNPSED
IQKIYKNGTFKKGD(MSE)FNLNDCHKLIDFFKDSISRYPKWSNAYDFNFSETEKYKDIAGFYREVEEQGYKVSFESASK
KEVDKLVEEGKLY(MSE)FQIYNKDFSDKSHGTPNLHT(MSE)YFKLLFDENNHGQIRLSGGAELF(MSE)RRASLKKEE
LVVHPANSPIANKNPDNPKKTTTLSYDVYKDKRFSEDQYELHIPIAINKCPKNIFKINTEVRVLLKHDDNPYVIGIDRGE
RNLLYIVVVDGKGNIVEQYSLNEIINNFNGIRIKTDYHSLLDKKEKERFEARQNWTSIENIKELKAGYISQVVHKICELV
EKYDAVIALEDLNSGFKNSRVKVEKQVYQKFEK(MSE)LIDKLNY(MSE)VDKKSNPCATGGALKGYQITNKFESFKS
(MSE)STQNGFIFYIPAWLTSKIDPSTGFVNLLKTKYTSIADSKKFISSFDRI(MSE)YVPEEDLFEFALDYKNFSRTDA
DYIKKWKLYSYGNRIRIFAAAKKNNVFAWEEVCLTSAYKELFNKYGINYQQGDIRALLCEQSDKAFYSSF(MSE)AL
(MSE)SL(MSE)LQ(MSE)RNSITGRTDVDFLISPVKNSDGIFYDSRNYEAQENAILPKNADANGAYNIARKVLWAIGQF
KKAEDEKLDKVKIAISNKEWLEYAQTSVK
;
A
2 'polyribonucleotide' AAUUUCUACUAAGUGUAGAUC G
#
# COMPACT_ATOMS: atom_id res chain seq x y z
N ALA A 1 12.39 27.80 -27.51
CA ALA A 1 13.55 26.92 -27.46
C ALA A 1 14.18 26.83 -26.06
N ALA A 2 13.81 25.80 -25.30
CA ALA A 2 14.27 25.60 -23.92
C ALA A 2 14.26 24.12 -23.48
N SER A 3 14.26 23.87 -22.16
CA SER A 3 14.23 22.51 -21.65
C SER A 3 12.83 21.95 -21.64
N LYS A 4 12.72 20.63 -21.55
CA LYS A 4 11.42 20.00 -21.57
C LYS A 4 10.68 20.30 -20.27
N LEU A 5 11.40 20.32 -19.16
CA LEU A 5 10.78 20.73 -17.88
C LEU A 5 10.11 22.12 -17.89
N GLU A 6 10.74 23.10 -18.54
CA GLU A 6 10.18 24.47 -18.64
C GLU A 6 8.69 24.51 -18.98
N LYS A 7 8.22 23.53 -19.74
CA LYS A 7 6.85 23.51 -20.18
C LYS A 7 5.89 23.08 -19.08
N PHE A 8 6.44 22.65 -17.94
CA PHE A 8 5.59 22.02 -16.93
C PHE A 8 5.46 22.81 -15.62
N THR A 9 4.84 23.99 -15.71
CA THR A 9 4.56 24.81 -14.54
C THR A 9 3.14 25.32 -14.59
N ASN A 10 2.58 25.65 -13.44
CA ASN A 10 1.25 26.22 -13.35
C ASN A 10 0.24 25.38 -14.14
N CYS A 11 0.28 24.05 -13.94
CA CYS A 11 -0.52 23.11 -14.73
C CYS A 11 -1.84 22.75 -14.09
N TYR A 12 -1.79 22.36 -12.83
CA TYR A 12 -3.00 22.08 -12.07
C TYR A 12 -2.82 22.42 -10.59
N SER A 13 -3.92 22.68 -9.92
CA SER A 13 -3.91 23.10 -8.55
C SER A 13 -3.71 21.89 -7.66
N LEU A 14 -3.19 22.15 -6.47
CA LEU A 14 -2.86 21.08 -5.56
C LEU A 14 -3.04 21.70 -4.20
N SER A 15 -3.49 20.93 -3.24
CA SER A 15 -3.70 21.51 -1.93
C SER A 15 -2.92 20.75 -0.86
N LYS A 16 -2.35 21.49 0.09
CA LYS A 16 -1.54 20.92 1.18
C LYS A 16 -1.86 21.54 2.51
N THR A 17 -1.64 20.82 3.60
CA THR A 17 -1.76 21.45 4.89
C THR A 17 -0.45 21.44 5.69
N LEU A 18 -0.01 22.63 6.10
CA LEU A 18 1.19 22.80 6.90
C LEU A 18 0.82 22.71 8.37
N ARG A 19 1.64 22.01 9.14
CA ARG A 19 1.45 21.95 10.58
C ARG A 19 2.49 22.81 11.31
N PHE A 20 2.07 23.40 12.42
CA PHE A 20 3.00 24.11 13.29
C PHE A 20 2.66 23.85 14.74
N LYS A 21 3.60 24.20 15.61
CA LYS A 21 3.39 24.24 17.03
C LYS A 21 2.78 25.60 17.29
N ALA A 22 1.89 25.73 18.28
CA ALA A 22 1.37 27.02 18.66
C ALA A 22 1.76 27.39 20.10
N ILE A 23 2.73 28.29 20.27
CA ILE A 23 3.28 28.58 21.61
C ILE A 23 2.52 29.69 22.34
N PRO A 24 1.71 29.33 23.35
CA PRO A 24 0.90 30.32 24.08
C PRO A 24 1.81 31.41 24.62
N VAL A 25 1.45 32.67 24.40
CA VAL A 25 2.22 33.83 24.85
C VAL A 25 1.58 34.49 26.07
N GLY A 26 2.35 34.70 27.13
CA GLY A 26 1.93 35.59 28.20
C GLY A 26 1.02 34.97 29.24
N LYS A 27 -0.18 35.54 29.40
CA LYS A 27 -1.10 35.06 30.41
C LYS A 27 -2.23 34.25 29.80
N THR A 28 -2.16 34.12 28.48
CA THR A 28 -3.05 33.28 27.68
C THR A 28 -3.39 31.93 28.30
N GLN A 29 -2.36 31.17 28.66
CA GLN A 29 -2.57 29.85 29.25
C GLN A 29 -3.33 29.94 30.58
N GLU A 30 -2.95 30.89 31.44
CA GLU A 30 -3.65 31.12 32.70
C GLU A 30 -5.13 31.42 32.46
N ASN A 31 -5.40 32.31 31.51
CA ASN A 31 -6.76 32.67 31.18
C ASN A 31 -7.53 31.46 30.64
N ILE A 32 -6.92 30.74 29.71
CA ILE A 32 -7.52 29.53 29.16
C ILE A 32 -7.90 28.53 30.26
N ASP A 33 -7.02 28.33 31.23
CA ASP A 33 -7.32 27.45 32.37
C ASP A 33 -8.39 28.01 33.28
N ASN A 34 -8.27 29.28 33.67
CA ASN A 34 -9.24 29.87 34.58
C ASN A 34 -10.63 29.83 33.96
N LYS A 35 -10.72 30.26 32.72
CA LYS A 35 -12.00 30.30 32.03
C LYS A 35 -12.41 28.90 31.57
N ARG A 36 -11.53 27.94 31.85
CA ARG A 36 -11.85 26.53 31.67
C ARG A 36 -12.29 26.18 30.25
N LEU A 37 -11.77 26.92 29.28
CA LEU A 37 -12.16 26.77 27.88
C LEU A 37 -11.90 25.37 27.32
N LEU A 38 -10.82 24.74 27.78
CA LEU A 38 -10.35 23.49 27.20
C LEU A 38 -11.22 22.28 27.49
N VAL A 39 -11.60 22.13 28.75
CA VAL A 39 -12.25 20.91 29.23
C VAL A 39 -13.47 20.47 28.40
N GLU A 40 -14.19 21.45 27.89
CA GLU A 40 -15.29 21.18 26.96
C GLU A 40 -14.83 20.27 25.82
N ASP A 41 -13.73 20.64 25.19
CA ASP A 41 -13.22 19.90 24.05
C ASP A 41 -12.55 18.59 24.45
N GLU A 42 -12.12 18.51 25.70
CA GLU A 42 -11.41 17.33 26.17
C GLU A 42 -12.35 16.19 26.56
N LYS A 43 -13.45 16.50 27.24
CA LYS A 43 -14.40 15.44 27.59
C LYS A 43 -15.08 14.87 26.36
N ARG A 44 -15.38 15.74 25.39
CA ARG A 44 -15.94 15.28 24.12
C ARG A 44 -15.03 14.22 23.55
N ALA A 45 -13.73 14.47 23.66
CA ALA A 45 -12.70 13.52 23.23
C ALA A 45 -12.80 12.20 23.99
N GLU A 46 -13.13 12.29 25.28
CA GLU A 46 -13.37 11.11 26.11
C GLU A 46 -14.64 10.35 25.69
N ASP A 47 -15.76 11.05 25.56
CA ASP A 47 -17.03 10.39 25.26
C ASP A 47 -17.24 10.04 23.79
N TYR A 48 -16.33 10.50 22.94
CA TYR A 48 -16.40 10.18 21.52
C TYR A 48 -16.58 8.68 21.34
N LYS A 49 -15.68 7.89 21.93
CA LYS A 49 -15.76 6.44 21.85
C LYS A 49 -17.10 5.91 22.38
N GLY A 50 -17.64 6.59 23.38
CA GLY A 50 -18.90 6.19 23.99
C GLY A 50 -20.06 6.37 23.05
N VAL A 51 -20.16 7.56 22.47
CA VAL A 51 -21.22 7.85 21.52
C VAL A 51 -21.17 6.92 20.30
N LYS A 52 -19.96 6.56 19.89
CA LYS A 52 -19.78 5.65 18.77
C LYS A 52 -20.49 4.33 19.01
N LYS A 53 -20.46 3.86 20.25
CA LYS A 53 -21.09 2.60 20.60
C LYS A 53 -22.60 2.74 20.52
N LEU A 54 -23.11 3.90 20.90
CA LEU A 54 -24.53 4.17 20.82
C LEU A 54 -24.98 4.31 19.36
N LEU A 55 -24.11 4.83 18.50
CA LEU A 55 -24.42 4.87 17.07
C LEU A 55 -24.50 3.46 16.50
N ASP A 56 -23.55 2.61 16.88
CA ASP A 56 -23.59 1.19 16.52
C ASP A 56 -24.86 0.51 17.06
N ARG A 57 -25.42 1.03 18.16
CA ARG A 57 -26.60 0.43 18.71
C ARG A 57 -27.76 0.65 17.75
N TYR A 58 -28.03 1.91 17.43
CA TYR A 58 -29.13 2.22 16.51
C TYR A 58 -28.92 1.60 15.12
N TYR A 59 -27.67 1.52 14.71
CA TYR A 59 -27.34 0.90 13.44
C TYR A 59 -27.76 -0.57 13.45
N LEU A 60 -27.62 -1.22 14.60
CA LEU A 60 -27.91 -2.65 14.72
C LEU A 60 -29.42 -2.93 14.86
N SER A 61 -30.14 -1.98 15.46
CA SER A 61 -31.59 -2.05 15.48
C SER A 61 -32.10 -1.82 14.07
N PHE A 62 -31.46 -0.88 13.36
CA PHE A 62 -31.83 -0.59 11.98
C PHE A 62 -31.65 -1.81 11.09
N ILE A 63 -30.40 -2.32 11.02
CA ILE A 63 -30.08 -3.53 10.27
C ILE A 63 -31.10 -4.63 10.55
N ASN A 64 -31.57 -4.69 11.78
CA ASN A 64 -32.58 -5.66 12.14
C ASN A 64 -34.03 -5.23 11.95
N ASP A 65 -34.24 -4.09 11.32
CA ASP A 65 -35.60 -3.74 10.90
C ASP A 65 -35.72 -4.15 9.45
N VAL A 66 -34.66 -3.89 8.68
CA VAL A 66 -34.65 -4.25 7.28
C VAL A 66 -34.58 -5.76 7.12
N LEU A 67 -33.84 -6.43 7.99
CA LEU A 67 -33.63 -7.87 7.85
C LEU A 67 -34.84 -8.72 8.27
N HIS A 68 -35.62 -8.25 9.24
CA HIS A 68 -36.87 -8.93 9.61
C HIS A 68 -37.87 -8.89 8.46
N SER A 69 -37.69 -7.96 7.54
CA SER A 69 -38.73 -7.59 6.58
C SER A 69 -38.44 -8.10 5.18
N ILE A 70 -37.43 -8.94 5.04
CA ILE A 70 -36.96 -9.28 3.70
C ILE A 70 -37.23 -10.69 3.20
N LYS A 71 -37.72 -10.78 1.97
CA LYS A 71 -37.85 -12.04 1.25
C LYS A 71 -37.05 -12.02 -0.06
N LEU A 72 -35.96 -12.76 -0.09
CA LEU A 72 -35.12 -12.84 -1.28
C LEU A 72 -35.83 -13.59 -2.41
N LYS A 73 -36.05 -12.90 -3.54
CA LYS A 73 -36.71 -13.51 -4.70
C LYS A 73 -35.71 -14.28 -5.55
N ASN A 74 -34.56 -13.67 -5.78
CA ASN A 74 -33.44 -14.27 -6.47
C ASN A 74 -33.02 -15.63 -5.87
N LEU A 75 -33.31 -15.80 -4.59
CA LEU A 75 -32.87 -16.96 -3.81
C LEU A 75 -33.27 -18.33 -4.34
N ASN A 76 -34.58 -18.52 -4.57
CA ASN A 76 -35.09 -19.86 -4.83
C ASN A 76 -34.54 -20.50 -6.09
N ASN A 77 -34.21 -19.68 -7.09
CA ASN A 77 -33.50 -20.18 -8.25
C ASN A 77 -32.06 -20.46 -7.90
N TYR A 78 -31.52 -19.61 -7.04
CA TYR A 78 -30.11 -19.64 -6.67
C TYR A 78 -29.72 -20.93 -5.97
N ILE A 79 -30.46 -21.28 -4.92
CA ILE A 79 -30.23 -22.54 -4.21
C ILE A 79 -30.17 -23.71 -5.20
N SER A 80 -31.21 -23.82 -6.03
CA SER A 80 -31.26 -24.82 -7.11
C SER A 80 -30.01 -24.79 -8.00
N LEU A 81 -29.78 -23.66 -8.67
CA LEU A 81 -28.58 -23.50 -9.50
C LEU A 81 -27.26 -23.67 -8.74
N PHE A 82 -27.31 -23.63 -7.42
CA PHE A 82 -26.12 -23.80 -6.59
C PHE A 82 -25.78 -25.28 -6.41
N ARG A 83 -26.68 -26.03 -5.80
CA ARG A 83 -26.41 -27.44 -5.52
C ARG A 83 -26.67 -28.32 -6.74
N LYS A 84 -26.79 -27.70 -7.90
CA LYS A 84 -26.93 -28.41 -9.18
C LYS A 84 -25.73 -29.29 -9.54
N LYS A 85 -24.82 -29.52 -8.58
CA LYS A 85 -23.59 -30.27 -8.84
C LYS A 85 -22.86 -29.62 -10.01
N THR A 86 -22.83 -28.29 -9.96
CA THR A 86 -22.34 -27.40 -11.03
C THR A 86 -22.65 -27.86 -12.47
N ARG A 87 -21.84 -28.80 -12.97
CA ARG A 87 -21.82 -29.18 -14.39
C ARG A 87 -21.29 -28.07 -15.29
N THR A 88 -20.80 -27.00 -14.67
CA THR A 88 -19.90 -26.01 -15.29
C THR A 88 -20.22 -25.58 -16.73
N GLU A 89 -19.19 -25.55 -17.57
CA GLU A 89 -19.29 -25.11 -18.97
C GLU A 89 -19.84 -23.69 -19.06
N LYS A 90 -19.54 -22.89 -18.03
CA LYS A 90 -20.12 -21.56 -17.88
C LYS A 90 -21.66 -21.56 -17.89
N GLU A 91 -22.27 -22.70 -17.58
CA GLU A 91 -23.69 -22.73 -17.25
C GLU A 91 -23.80 -22.11 -15.88
N ASN A 92 -22.75 -22.35 -15.08
CA ASN A 92 -22.63 -21.79 -13.74
C ASN A 92 -22.42 -20.28 -13.78
N LYS A 93 -21.90 -19.80 -14.91
CA LYS A 93 -21.73 -18.37 -15.11
C LYS A 93 -23.06 -17.65 -15.02
N GLU A 94 -24.10 -18.25 -15.59
CA GLU A 94 -25.46 -17.75 -15.44
C GLU A 94 -25.74 -17.50 -13.96
N LEU A 95 -25.38 -18.47 -13.12
CA LEU A 95 -25.58 -18.38 -11.68
C LEU A 95 -24.74 -17.31 -10.97
N GLU A 96 -23.47 -17.18 -11.35
CA GLU A 96 -22.58 -16.24 -10.68
C GLU A 96 -23.06 -14.79 -10.83
N ASN A 97 -23.96 -14.58 -11.79
CA ASN A 97 -24.62 -13.29 -11.95
C ASN A 97 -25.89 -13.26 -11.13
N LEU A 98 -26.42 -14.42 -10.81
CA LEU A 98 -27.56 -14.53 -9.89
C LEU A 98 -27.08 -14.22 -8.47
N GLU A 99 -25.86 -14.63 -8.14
CA GLU A 99 -25.30 -14.36 -6.82
C GLU A 99 -25.25 -12.85 -6.54
N ILE A 100 -24.58 -12.12 -7.42
CA ILE A 100 -24.40 -10.67 -7.27
C ILE A 100 -25.73 -9.97 -7.01
N ASN A 101 -26.77 -10.46 -7.66
CA ASN A 101 -28.12 -9.88 -7.51
C ASN A 101 -28.77 -10.25 -6.17
N LEU A 102 -28.21 -11.21 -5.45
CA LEU A 102 -28.68 -11.52 -4.11
C LEU A 102 -28.17 -10.43 -3.17
N ARG A 103 -26.91 -10.04 -3.35
CA ARG A 103 -26.31 -8.95 -2.57
C ARG A 103 -26.94 -7.62 -2.99
N LYS A 104 -27.25 -7.51 -4.27
CA LYS A 104 -27.89 -6.32 -4.82
C LYS A 104 -29.23 -6.08 -4.17
N GLU A 105 -29.96 -7.16 -3.94
CA GLU A 105 -31.31 -7.10 -3.37
C GLU A 105 -31.27 -6.72 -1.89
N ILE A 106 -30.16 -7.06 -1.23
CA ILE A 106 -29.99 -6.73 0.18
C ILE A 106 -29.62 -5.26 0.36
N ALA A 107 -28.63 -4.81 -0.41
CA ALA A 107 -28.19 -3.42 -0.37
C ALA A 107 -29.36 -2.47 -0.64
N LYS A 108 -30.08 -2.74 -1.73
CA LYS A 108 -31.20 -1.89 -2.12
C LYS A 108 -32.33 -1.89 -1.08
N ALA A 109 -32.46 -2.99 -0.33
CA ALA A 109 -33.50 -3.07 0.71
C ALA A 109 -33.18 -2.17 1.91
N PHE A 110 -31.88 -2.02 2.19
CA PHE A 110 -31.41 -1.06 3.19
C PHE A 110 -31.76 0.35 2.72
N LYS A 111 -31.11 0.75 1.62
CA LYS A 111 -31.32 2.07 1.03
C LYS A 111 -32.79 2.38 0.73
N GLY A 112 -33.43 1.48 0.00
CA GLY A 112 -34.78 1.69 -0.52
C GLY A 112 -35.85 2.29 0.37
N ALA A 113 -35.91 1.90 1.64
CA ALA A 113 -37.02 2.34 2.50
C ALA A 113 -36.70 2.44 3.98
N ALA A 114 -37.75 2.69 4.77
CA ALA A 114 -37.65 2.88 6.22
C ALA A 114 -36.59 3.93 6.57
N GLY A 115 -36.56 5.02 5.82
CA GLY A 115 -35.54 6.03 5.99
C GLY A 115 -34.24 5.62 5.31
N TYR A 116 -33.19 5.50 6.13
CA TYR A 116 -31.78 5.31 5.71
C TYR A 116 -31.08 6.63 5.36
N LYS A 117 -31.84 7.60 4.87
CA LYS A 117 -31.33 8.93 4.57
C LYS A 117 -30.67 9.56 5.80
N SER A 118 -31.46 9.73 6.85
CA SER A 118 -31.00 10.28 8.12
C SER A 118 -30.19 9.24 8.86
N LEU A 119 -28.93 9.07 8.49
CA LEU A 119 -28.09 8.03 9.10
C LEU A 119 -26.67 8.55 9.33
N PHE A 120 -26.08 9.17 8.31
CA PHE A 120 -24.73 9.69 8.41
C PHE A 120 -24.70 11.20 8.24
N LYS A 121 -25.86 11.83 8.40
CA LYS A 121 -25.96 13.29 8.38
C LYS A 121 -26.21 13.83 9.79
N LYS A 122 -26.21 15.15 9.93
CA LYS A 122 -26.26 15.81 11.24
C LYS A 122 -27.44 15.42 12.13
N ASP A 123 -28.52 14.92 11.53
CA ASP A 123 -29.76 14.70 12.28
C ASP A 123 -29.84 13.38 13.06
N ILE A 124 -28.78 12.57 12.96
CA ILE A 124 -28.72 11.26 13.63
C ILE A 124 -28.40 11.37 15.13
N ILE A 125 -27.56 12.33 15.49
CA ILE A 125 -27.24 12.52 16.89
C ILE A 125 -28.02 13.71 17.44
N GLU A 126 -28.49 14.56 16.53
CA GLU A 126 -29.33 15.68 16.91
C GLU A 126 -30.62 15.18 17.57
N THR A 127 -31.40 14.42 16.81
CA THR A 127 -32.70 13.97 17.27
C THR A 127 -32.88 12.45 17.28
N ILE A 128 -32.32 11.77 16.28
CA ILE A 128 -32.60 10.36 16.11
C ILE A 128 -32.09 9.50 17.26
N LEU A 129 -30.84 9.72 17.66
CA LEU A 129 -30.28 9.00 18.78
C LEU A 129 -30.98 9.34 20.12
N PRO A 130 -31.33 10.62 20.34
CA PRO A 130 -32.16 10.94 21.53
C PRO A 130 -33.54 10.25 21.62
N GLU A 131 -34.24 10.03 20.51
CA GLU A 131 -35.55 9.39 20.56
C GLU A 131 -35.46 7.86 20.65
N ALA A 132 -34.39 7.28 20.12
CA ALA A 132 -34.10 5.87 20.35
C ALA A 132 -33.62 5.74 21.79
N ALA A 133 -33.68 4.52 22.32
CA ALA A 133 -33.31 4.18 23.72
C ALA A 133 -32.69 5.28 24.58
N LYS A 136 -30.64 7.99 29.50
CA LYS A 136 -30.41 9.18 30.32
C LYS A 136 -28.92 9.46 30.51
N ASP A 137 -28.19 8.47 30.98
CA ASP A 137 -26.73 8.55 31.06
C ASP A 137 -26.14 8.38 29.67
N GLU A 138 -27.00 8.04 28.72
CA GLU A 138 -26.58 7.87 27.33
C GLU A 138 -27.13 8.97 26.44
N ILE A 139 -28.34 9.45 26.73
CA ILE A 139 -28.90 10.58 26.00
C ILE A 139 -28.02 11.79 26.26
N ALA A 140 -27.53 11.89 27.49
CA ALA A 140 -26.72 13.02 27.92
C ALA A 140 -25.42 13.15 27.12
N LEU A 141 -24.73 12.04 26.89
CA LEU A 141 -23.46 12.04 26.14
C LEU A 141 -23.61 12.51 24.69
N VAL A 142 -24.76 12.21 24.09
CA VAL A 142 -24.99 12.48 22.67
C VAL A 142 -25.44 13.92 22.46
N ASN A 143 -26.03 14.51 23.49
CA ASN A 143 -26.76 15.78 23.34
C ASN A 143 -26.20 16.98 22.52
N SER A 144 -25.04 17.61 22.79
CA SER A 144 -23.85 17.34 23.64
C SER A 144 -22.67 17.11 22.72
N PHE A 145 -23.02 16.82 21.47
CA PHE A 145 -22.09 16.75 20.36
C PHE A 145 -22.76 17.58 19.26
N ASN A 146 -23.88 18.21 19.61
CA ASN A 146 -24.64 19.07 18.69
C ASN A 146 -23.81 20.24 18.15
N GLY A 147 -23.68 20.29 16.83
CA GLY A 147 -22.92 21.35 16.18
C GLY A 147 -21.46 20.99 16.12
N PHE A 148 -21.15 19.79 16.58
CA PHE A 148 -19.78 19.28 16.57
C PHE A 148 -19.75 17.90 15.90
N THR A 149 -20.67 17.74 14.96
CA THR A 149 -20.86 16.49 14.22
C THR A 149 -19.60 16.09 13.41
N THR A 150 -18.64 17.01 13.30
CA THR A 150 -17.35 16.77 12.64
C THR A 150 -16.69 15.50 13.12
N ALA A 151 -16.75 15.27 14.44
CA ALA A 151 -16.06 14.15 15.09
C ALA A 151 -16.29 12.78 14.44
N PHE A 152 -17.43 12.60 13.80
CA PHE A 152 -17.85 11.27 13.41
C PHE A 152 -17.70 11.01 11.92
N THR A 153 -17.04 11.92 11.21
CA THR A 153 -16.98 11.79 9.76
C THR A 153 -16.18 10.57 9.31
N GLY A 154 -14.99 10.38 9.89
CA GLY A 154 -14.17 9.23 9.56
C GLY A 154 -14.86 7.94 9.97
N PHE A 155 -15.57 8.01 11.08
CA PHE A 155 -16.40 6.90 11.54
C PHE A 155 -17.53 6.66 10.56
N PHE A 156 -18.14 7.75 10.09
CA PHE A 156 -19.29 7.67 9.19
C PHE A 156 -18.97 6.99 7.86
N ASP A 157 -17.77 7.24 7.36
CA ASP A 157 -17.35 6.59 6.13
C ASP A 157 -17.10 5.11 6.35
N ASN A 158 -16.50 4.78 7.50
CA ASN A 158 -16.16 3.40 7.80
C ASN A 158 -17.40 2.51 7.94
N ARG A 159 -18.53 3.12 8.25
CA ARG A 159 -19.74 2.38 8.58
C ARG A 159 -20.75 2.23 7.42
N GLU A 160 -20.69 3.12 6.44
CA GLU A 160 -21.58 3.04 5.28
C GLU A 160 -21.14 1.99 4.27
N ASN A 161 -19.95 1.43 4.50
CA ASN A 161 -19.47 0.34 3.66
C ASN A 161 -20.10 -0.98 4.06
N PHE A 163 -23.27 -1.55 4.04
CA PHE A 163 -24.48 -1.80 3.28
C PHE A 163 -24.27 -1.89 1.77
N SER A 164 -23.02 -1.98 1.32
CA SER A 164 -22.75 -2.05 -0.10
C SER A 164 -23.05 -3.42 -0.69
N GLU A 165 -22.88 -3.55 -2.00
CA GLU A 165 -22.90 -4.84 -2.67
C GLU A 165 -21.46 -5.24 -2.93
N GLU A 166 -20.54 -4.53 -2.28
CA GLU A 166 -19.10 -4.56 -2.58
C GLU A 166 -18.39 -5.92 -2.61
N ALA A 167 -19.08 -6.99 -2.26
CA ALA A 167 -18.46 -8.31 -2.13
C ALA A 167 -17.22 -8.25 -1.25
N LYS A 168 -17.25 -7.39 -0.24
CA LYS A 168 -16.16 -7.30 0.72
C LYS A 168 -16.59 -7.95 2.03
N SER A 169 -15.61 -8.33 2.84
CA SER A 169 -15.91 -8.89 4.15
C SER A 169 -16.50 -7.82 5.07
N THR A 170 -16.45 -6.57 4.63
CA THR A 170 -17.16 -5.49 5.31
C THR A 170 -18.68 -5.64 5.13
N SER A 171 -19.10 -5.92 3.91
CA SER A 171 -20.53 -5.91 3.55
C SER A 171 -21.41 -6.91 4.30
N ILE A 172 -22.56 -6.45 4.78
CA ILE A 172 -23.53 -7.32 5.43
C ILE A 172 -24.06 -8.34 4.42
N ALA A 173 -24.45 -7.83 3.25
CA ALA A 173 -24.91 -8.66 2.14
C ALA A 173 -23.94 -9.80 1.81
N PHE A 174 -22.64 -9.51 1.78
CA PHE A 174 -21.62 -10.52 1.52
C PHE A 174 -21.63 -11.59 2.61
N ARG A 175 -21.78 -11.14 3.86
CA ARG A 175 -21.88 -12.04 5.01
C ARG A 175 -23.11 -12.92 4.84
N CYS A 176 -24.15 -12.36 4.26
CA CYS A 176 -25.42 -13.07 4.12
C CYS A 176 -25.37 -14.16 3.05
N ILE A 177 -24.93 -13.81 1.85
CA ILE A 177 -24.96 -14.69 0.70
C ILE A 177 -23.70 -15.57 0.56
N ASN A 178 -22.54 -14.94 0.68
CA ASN A 178 -21.27 -15.64 0.43
C ASN A 178 -20.63 -16.26 1.65
N GLU A 179 -21.32 -16.27 2.78
CA GLU A 179 -20.82 -16.92 3.98
C GLU A 179 -21.93 -17.77 4.58
N ASN A 180 -22.99 -17.10 4.99
CA ASN A 180 -24.10 -17.76 5.63
C ASN A 180 -24.87 -18.66 4.66
N LEU A 181 -25.04 -18.20 3.42
CA LEU A 181 -25.92 -18.92 2.50
C LEU A 181 -25.27 -20.18 1.96
N THR A 182 -23.97 -20.14 1.68
CA THR A 182 -23.29 -21.36 1.25
C THR A 182 -23.33 -22.40 2.37
N ARG A 183 -23.16 -21.96 3.62
CA ARG A 183 -23.26 -22.84 4.77
C ARG A 183 -24.69 -23.32 5.00
N TYR A 184 -25.66 -22.46 4.71
CA TYR A 184 -27.06 -22.84 4.91
C TYR A 184 -27.46 -23.91 3.90
N ILE A 185 -26.99 -23.72 2.67
CA ILE A 185 -27.19 -24.66 1.60
C ILE A 185 -26.49 -25.98 1.93
N SER A 186 -25.21 -25.90 2.27
CA SER A 186 -24.43 -27.10 2.58
C SER A 186 -24.99 -27.91 3.75
N ASN A 187 -25.71 -27.26 4.66
CA ASN A 187 -26.40 -27.96 5.75
C ASN A 187 -27.70 -28.66 5.31
N ASP A 189 -28.10 -30.30 2.47
CA ASP A 189 -27.58 -31.55 1.90
C ASP A 189 -27.02 -32.48 2.96
N ILE A 190 -26.56 -31.92 4.07
CA ILE A 190 -26.18 -32.74 5.20
C ILE A 190 -27.46 -33.22 5.89
N PHE A 191 -28.44 -32.34 6.01
CA PHE A 191 -29.70 -32.71 6.67
C PHE A 191 -30.44 -33.79 5.89
N GLU A 192 -30.38 -33.72 4.56
CA GLU A 192 -31.06 -34.71 3.75
C GLU A 192 -30.42 -36.08 3.94
N LYS A 193 -29.09 -36.10 3.98
CA LYS A 193 -28.31 -37.33 4.07
C LYS A 193 -28.42 -38.00 5.44
N VAL A 194 -28.62 -37.19 6.49
CA VAL A 194 -28.44 -37.63 7.88
C VAL A 194 -29.78 -37.61 8.67
N ASP A 195 -30.88 -37.36 7.95
CA ASP A 195 -32.24 -37.30 8.53
C ASP A 195 -32.61 -38.30 9.63
N ALA A 196 -32.64 -39.58 9.27
CA ALA A 196 -33.24 -40.62 10.13
C ALA A 196 -32.49 -40.90 11.42
N ILE A 197 -31.30 -40.31 11.58
CA ILE A 197 -30.49 -40.52 12.79
C ILE A 197 -31.24 -40.00 14.01
N PHE A 198 -32.27 -39.20 13.76
CA PHE A 198 -32.91 -38.44 14.83
C PHE A 198 -34.19 -39.06 15.36
N ASP A 199 -34.12 -39.49 16.61
CA ASP A 199 -35.28 -40.01 17.33
C ASP A 199 -36.36 -38.94 17.39
N LYS A 200 -37.61 -39.32 17.20
CA LYS A 200 -38.72 -38.39 17.35
C LYS A 200 -38.67 -37.68 18.69
N HIS A 201 -38.27 -38.44 19.72
CA HIS A 201 -38.15 -37.93 21.09
C HIS A 201 -36.97 -36.98 21.24
N GLU A 202 -36.07 -37.03 20.26
CA GLU A 202 -34.90 -36.18 20.27
C GLU A 202 -35.13 -34.92 19.45
N VAL A 203 -35.75 -35.10 18.28
CA VAL A 203 -35.83 -34.03 17.29
C VAL A 203 -36.72 -32.86 17.71
N GLN A 204 -37.98 -32.87 17.34
CA GLN A 204 -38.81 -31.74 17.68
C GLN A 204 -39.20 -31.79 19.15
N GLU A 205 -39.06 -32.94 19.79
CA GLU A 205 -39.47 -33.03 21.18
C GLU A 205 -38.71 -32.06 22.06
N ILE A 206 -37.48 -32.41 22.45
CA ILE A 206 -36.73 -31.51 23.32
C ILE A 206 -36.39 -30.23 22.57
N LYS A 207 -35.96 -30.35 21.31
CA LYS A 207 -35.53 -29.19 20.55
C LYS A 207 -36.65 -28.22 20.18
N GLU A 208 -37.75 -28.69 19.56
CA GLU A 208 -38.81 -27.74 19.21
C GLU A 208 -39.40 -27.04 20.43
N LYS A 209 -39.67 -27.77 21.51
CA LYS A 209 -40.23 -27.11 22.69
C LYS A 209 -39.24 -26.15 23.38
N ILE A 210 -38.10 -26.69 23.80
CA ILE A 210 -37.11 -25.90 24.55
C ILE A 210 -36.37 -24.82 23.73
N LEU A 211 -36.02 -25.13 22.48
CA LEU A 211 -35.44 -24.12 21.60
C LEU A 211 -36.48 -23.11 21.10
N ASN A 212 -37.74 -23.55 20.98
CA ASN A 212 -38.80 -22.69 20.46
C ASN A 212 -40.22 -22.96 20.99
N SER A 213 -40.78 -24.10 20.60
CA SER A 213 -42.21 -24.47 20.66
C SER A 213 -42.95 -23.94 19.43
N ASP A 214 -42.26 -23.12 18.66
CA ASP A 214 -42.77 -22.58 17.41
C ASP A 214 -41.93 -23.21 16.30
N TYR A 215 -42.45 -23.20 15.08
CA TYR A 215 -41.83 -23.91 13.97
C TYR A 215 -41.48 -25.37 14.27
N ASP A 216 -40.74 -25.97 13.35
CA ASP A 216 -40.23 -27.32 13.51
C ASP A 216 -38.77 -27.33 13.04
N VAL A 217 -38.02 -28.35 13.42
CA VAL A 217 -36.62 -28.46 13.02
C VAL A 217 -36.46 -28.59 11.49
N GLU A 218 -37.36 -29.36 10.88
CA GLU A 218 -37.33 -29.60 9.43
C GLU A 218 -37.27 -28.28 8.67
N ASP A 219 -37.98 -27.29 9.20
CA ASP A 219 -38.20 -26.02 8.51
C ASP A 219 -36.90 -25.34 8.14
N PHE A 220 -35.96 -25.30 9.09
CA PHE A 220 -34.70 -24.58 8.90
C PHE A 220 -33.76 -25.24 7.92
N PHE A 221 -34.20 -26.35 7.33
CA PHE A 221 -33.42 -26.99 6.28
C PHE A 221 -34.21 -27.04 4.97
N GLU A 222 -35.23 -26.18 4.90
CA GLU A 222 -35.95 -25.89 3.67
C GLU A 222 -35.39 -24.59 3.11
N GLY A 223 -35.24 -24.54 1.80
CA GLY A 223 -34.62 -23.39 1.16
C GLY A 223 -35.35 -22.08 1.33
N GLU A 224 -36.68 -22.11 1.35
CA GLU A 224 -37.44 -20.87 1.45
C GLU A 224 -37.39 -20.28 2.85
N PHE A 225 -36.67 -20.96 3.75
CA PHE A 225 -36.62 -20.56 5.15
C PHE A 225 -35.41 -19.71 5.44
N PHE A 226 -34.56 -19.51 4.43
CA PHE A 226 -33.29 -18.83 4.64
C PHE A 226 -33.46 -17.41 5.15
N ASN A 227 -34.35 -16.66 4.52
CA ASN A 227 -34.62 -15.28 4.91
C ASN A 227 -34.84 -15.10 6.41
N PHE A 228 -35.42 -16.11 7.05
CA PHE A 228 -35.62 -16.12 8.50
C PHE A 228 -34.29 -15.98 9.23
N VAL A 229 -33.22 -16.45 8.58
CA VAL A 229 -31.94 -16.63 9.26
C VAL A 229 -30.96 -15.51 8.89
N LEU A 230 -31.49 -14.41 8.38
CA LEU A 230 -30.68 -13.24 8.06
C LEU A 230 -30.39 -12.42 9.33
N THR A 231 -31.35 -12.43 10.26
CA THR A 231 -31.25 -11.67 11.50
C THR A 231 -30.57 -12.49 12.57
N GLN A 232 -30.05 -11.82 13.59
CA GLN A 232 -29.23 -12.49 14.59
C GLN A 232 -30.00 -13.47 15.44
N GLU A 233 -31.25 -13.18 15.76
CA GLU A 233 -32.05 -14.14 16.52
C GLU A 233 -32.16 -15.47 15.77
N GLY A 234 -32.67 -15.42 14.55
CA GLY A 234 -32.76 -16.60 13.70
C GLY A 234 -31.43 -17.31 13.53
N ILE A 235 -30.35 -16.53 13.55
CA ILE A 235 -28.99 -17.09 13.54
C ILE A 235 -28.69 -17.83 14.83
N ASP A 236 -29.03 -17.23 15.97
CA ASP A 236 -28.83 -17.86 17.28
C ASP A 236 -29.71 -19.10 17.42
N VAL A 237 -30.96 -18.99 16.96
CA VAL A 237 -31.90 -20.10 16.97
C VAL A 237 -31.34 -21.26 16.15
N TYR A 238 -30.87 -20.93 14.96
CA TYR A 238 -30.27 -21.92 14.08
C TYR A 238 -29.06 -22.58 14.73
N ASN A 239 -28.13 -21.76 15.19
CA ASN A 239 -26.92 -22.29 15.76
C ASN A 239 -27.21 -23.06 17.05
N ALA A 240 -28.29 -22.74 17.72
CA ALA A 240 -28.64 -23.45 18.94
C ALA A 240 -29.20 -24.84 18.60
N ILE A 241 -29.88 -24.93 17.47
CA ILE A 241 -30.37 -26.21 16.96
C ILE A 241 -29.22 -27.17 16.71
N ILE A 242 -28.15 -26.64 16.11
CA ILE A 242 -26.92 -27.40 15.86
C ILE A 242 -26.12 -27.66 17.12
N GLY A 243 -25.75 -26.57 17.80
CA GLY A 243 -24.80 -26.63 18.90
C GLY A 243 -25.39 -27.12 20.19
N GLY A 244 -26.55 -26.60 20.56
CA GLY A 244 -27.21 -26.98 21.81
C GLY A 244 -27.82 -25.74 22.43
N PHE A 245 -28.34 -25.87 23.66
CA PHE A 245 -28.92 -24.72 24.35
C PHE A 245 -28.99 -24.96 25.87
N VAL A 246 -28.99 -23.86 26.62
CA VAL A 246 -28.90 -23.88 28.08
C VAL A 246 -30.26 -24.08 28.77
N THR A 247 -31.34 -23.64 28.12
CA THR A 247 -32.75 -23.82 28.52
C THR A 247 -33.32 -22.83 29.54
N GLU A 248 -32.47 -21.93 30.06
CA GLU A 248 -32.84 -21.00 31.15
C GLU A 248 -32.85 -21.67 32.53
N SER A 249 -32.73 -22.99 32.54
CA SER A 249 -32.43 -23.73 33.76
C SER A 249 -31.19 -24.58 33.50
N GLY A 250 -30.84 -25.49 34.41
CA GLY A 250 -29.62 -26.27 34.25
C GLY A 250 -29.65 -27.34 33.17
N GLU A 251 -30.77 -27.43 32.46
CA GLU A 251 -31.10 -28.61 31.65
C GLU A 251 -30.13 -28.99 30.52
N LYS A 252 -29.68 -28.01 29.75
CA LYS A 252 -28.68 -28.24 28.69
C LYS A 252 -29.15 -29.21 27.59
N ILE A 253 -30.02 -28.73 26.69
CA ILE A 253 -30.49 -29.56 25.57
C ILE A 253 -29.41 -29.78 24.51
N LYS A 254 -29.23 -31.04 24.13
CA LYS A 254 -28.28 -31.39 23.08
C LYS A 254 -28.73 -30.85 21.72
N GLY A 255 -27.77 -30.40 20.91
CA GLY A 255 -28.07 -29.98 19.55
C GLY A 255 -27.95 -31.13 18.59
N LEU A 256 -28.16 -30.86 17.32
CA LEU A 256 -28.01 -31.88 16.28
C LEU A 256 -26.60 -32.47 16.19
N ASN A 257 -25.57 -31.62 16.25
CA ASN A 257 -24.19 -32.09 16.17
C ASN A 257 -23.81 -33.12 17.25
N GLU A 258 -24.29 -32.92 18.48
CA GLU A 258 -24.07 -33.92 19.54
C GLU A 258 -24.65 -35.28 19.17
N TYR A 259 -25.82 -35.28 18.52
CA TYR A 259 -26.48 -36.53 18.16
C TYR A 259 -25.71 -37.29 17.10
N ILE A 260 -25.22 -36.55 16.10
CA ILE A 260 -24.37 -37.13 15.08
C ILE A 260 -23.10 -37.68 15.73
N ASN A 261 -22.52 -36.89 16.63
CA ASN A 261 -21.40 -37.34 17.46
C ASN A 261 -21.74 -38.64 18.19
N LEU A 262 -22.89 -38.67 18.86
CA LEU A 262 -23.34 -39.87 19.58
C LEU A 262 -23.65 -41.04 18.66
N TYR A 263 -23.66 -40.78 17.35
CA TYR A 263 -23.76 -41.86 16.40
C TYR A 263 -22.35 -42.37 16.00
N ASN A 264 -21.39 -42.15 16.88
CA ASN A 264 -20.10 -42.83 16.80
C ASN A 264 -20.26 -44.29 17.21
N ALA A 265 -21.46 -44.65 17.69
CA ALA A 265 -21.77 -45.99 18.11
C ALA A 265 -21.68 -46.96 16.94
N LYS A 266 -21.94 -46.46 15.73
CA LYS A 266 -21.80 -47.27 14.53
C LYS A 266 -20.34 -47.26 14.07
N THR A 267 -19.57 -46.31 14.60
CA THR A 267 -18.11 -46.25 14.42
C THR A 267 -17.64 -46.09 12.96
N LYS A 268 -18.49 -46.50 12.01
CA LYS A 268 -18.31 -46.09 10.62
C LYS A 268 -18.22 -44.58 10.73
N GLN A 269 -19.25 -44.01 11.34
CA GLN A 269 -19.33 -42.58 11.59
C GLN A 269 -18.84 -41.77 10.42
N ALA A 270 -18.01 -40.77 10.71
CA ALA A 270 -17.57 -39.80 9.72
C ALA A 270 -18.79 -39.34 8.93
N LEU A 271 -19.90 -39.20 9.64
CA LEU A 271 -21.13 -38.67 9.08
C LEU A 271 -21.08 -37.18 9.37
N PRO A 272 -21.16 -36.35 8.33
CA PRO A 272 -20.89 -34.91 8.41
C PRO A 272 -21.71 -34.23 9.50
N LYS A 273 -21.09 -33.26 10.17
CA LYS A 273 -21.80 -32.42 11.13
C LYS A 273 -22.13 -31.09 10.48
N PHE A 274 -23.15 -30.40 11.02
CA PHE A 274 -23.56 -29.10 10.50
C PHE A 274 -22.57 -27.99 10.85
N LYS A 275 -22.54 -27.00 9.98
CA LYS A 275 -21.69 -25.82 10.18
C LYS A 275 -22.58 -24.67 10.67
N PRO A 276 -22.17 -24.00 11.75
CA PRO A 276 -22.97 -22.90 12.28
C PRO A 276 -22.90 -21.65 11.40
N LEU A 277 -23.86 -20.75 11.56
CA LEU A 277 -23.96 -19.58 10.69
C LEU A 277 -23.23 -18.40 11.30
N TYR A 278 -22.62 -17.59 10.45
CA TYR A 278 -21.86 -16.43 10.91
C TYR A 278 -22.79 -15.35 11.41
N LYS A 279 -22.62 -14.97 12.67
CA LYS A 279 -23.33 -13.83 13.23
C LYS A 279 -22.64 -12.63 12.62
N GLN A 280 -23.31 -11.49 12.54
CA GLN A 280 -22.62 -10.31 12.02
C GLN A 280 -23.15 -9.01 12.57
N VAL A 281 -22.32 -7.97 12.44
CA VAL A 281 -22.57 -6.64 13.01
C VAL A 281 -22.95 -6.67 14.49
N GLU A 293 -8.38 -8.25 22.56
CA GLU A 293 -7.37 -7.44 21.87
C GLU A 293 -6.15 -7.13 22.75
N GLY A 294 -6.21 -5.98 23.43
CA GLY A 294 -5.16 -5.57 24.34
C GLY A 294 -5.10 -4.05 24.34
N TYR A 295 -3.93 -3.50 24.62
CA TYR A 295 -3.55 -2.19 24.08
C TYR A 295 -3.55 -0.93 24.95
N THR A 296 -4.06 -0.98 26.18
CA THR A 296 -3.99 0.20 27.04
C THR A 296 -3.03 0.11 28.23
N SER A 297 -2.79 -1.10 28.72
CA SER A 297 -1.92 -1.31 29.88
C SER A 297 -1.33 -2.71 29.88
N ASP A 298 -0.15 -2.83 30.49
CA ASP A 298 0.48 -4.12 30.74
C ASP A 298 -0.45 -5.13 31.39
N GLU A 299 -1.26 -4.65 32.33
CA GLU A 299 -2.18 -5.52 33.04
C GLU A 299 -3.25 -6.03 32.09
N GLU A 300 -3.70 -5.16 31.18
CA GLU A 300 -4.69 -5.58 30.17
C GLU A 300 -4.10 -6.56 29.17
N VAL A 301 -2.98 -6.18 28.56
CA VAL A 301 -2.30 -7.00 27.55
C VAL A 301 -2.05 -8.40 28.09
N LEU A 302 -1.68 -8.47 29.36
CA LEU A 302 -1.37 -9.73 29.95
C LEU A 302 -2.62 -10.54 30.23
N GLU A 303 -3.68 -9.85 30.67
CA GLU A 303 -4.96 -10.48 30.95
C GLU A 303 -5.52 -11.15 29.71
N VAL A 304 -5.31 -10.55 28.55
CA VAL A 304 -5.82 -11.15 27.33
C VAL A 304 -5.02 -12.39 26.92
N PHE A 305 -3.71 -12.29 27.00
CA PHE A 305 -2.81 -13.40 26.67
C PHE A 305 -3.12 -14.63 27.51
N ARG A 306 -3.24 -14.39 28.82
CA ARG A 306 -3.59 -15.45 29.75
C ARG A 306 -4.95 -16.04 29.42
N ASN A 307 -5.89 -15.17 29.12
CA ASN A 307 -7.27 -15.57 28.94
C ASN A 307 -7.55 -16.28 27.62
N THR A 308 -6.88 -15.90 26.56
CA THR A 308 -7.18 -16.50 25.27
C THR A 308 -6.25 -17.66 24.91
N LEU A 309 -5.11 -17.77 25.59
CA LEU A 309 -4.13 -18.75 25.15
C LEU A 309 -3.69 -19.78 26.18
N ASN A 310 -4.30 -19.78 27.36
CA ASN A 310 -4.00 -20.80 28.37
C ASN A 310 -4.49 -22.16 27.92
N LYS A 311 -4.04 -23.21 28.57
CA LYS A 311 -4.34 -24.56 28.12
C LYS A 311 -5.81 -25.04 28.23
N ASN A 312 -6.70 -24.26 28.86
CA ASN A 312 -8.12 -24.61 28.72
C ASN A 312 -8.95 -23.51 28.05
N SER A 313 -8.28 -22.67 27.27
CA SER A 313 -8.95 -21.70 26.43
C SER A 313 -9.53 -22.43 25.22
N GLU A 314 -10.36 -21.72 24.46
CA GLU A 314 -11.07 -22.36 23.36
C GLU A 314 -10.16 -22.45 22.15
N ILE A 315 -9.22 -21.52 22.06
CA ILE A 315 -8.23 -21.57 21.01
C ILE A 315 -7.37 -22.81 21.18
N PHE A 316 -7.00 -23.10 22.42
CA PHE A 316 -6.23 -24.31 22.69
C PHE A 316 -7.11 -25.55 22.53
N SER A 317 -8.42 -25.40 22.74
CA SER A 317 -9.34 -26.49 22.49
C SER A 317 -9.39 -26.80 20.99
N SER A 318 -9.47 -25.76 20.19
CA SER A 318 -9.60 -25.97 18.76
C SER A 318 -8.33 -26.57 18.15
N ILE A 319 -7.20 -26.36 18.81
CA ILE A 319 -5.95 -26.91 18.34
C ILE A 319 -5.90 -28.42 18.59
N LYS A 320 -6.43 -28.86 19.71
CA LYS A 320 -6.48 -30.28 20.04
C LYS A 320 -7.43 -31.04 19.11
N LYS A 321 -8.49 -30.38 18.68
CA LYS A 321 -9.46 -30.99 17.79
C LYS A 321 -8.86 -31.10 16.40
N LEU A 322 -8.21 -30.04 15.97
CA LEU A 322 -7.52 -30.05 14.68
C LEU A 322 -6.37 -31.07 14.69
N GLU A 323 -5.74 -31.28 15.83
CA GLU A 323 -4.75 -32.36 15.95
C GLU A 323 -5.39 -33.73 15.73
N LYS A 324 -6.57 -33.93 16.33
CA LYS A 324 -7.30 -35.19 16.21
C LYS A 324 -7.81 -35.38 14.79
N LEU A 325 -8.35 -34.31 14.22
CA LEU A 325 -8.85 -34.34 12.85
C LEU A 325 -7.76 -34.81 11.91
N PHE A 326 -6.68 -34.02 11.83
CA PHE A 326 -5.58 -34.32 10.92
C PHE A 326 -4.83 -35.62 11.23
N LYS A 327 -4.93 -36.10 12.46
CA LYS A 327 -4.34 -37.40 12.77
C LYS A 327 -5.09 -38.49 12.00
N ASN A 328 -6.36 -38.23 11.70
CA ASN A 328 -7.19 -39.18 10.96
C ASN A 328 -7.26 -38.81 9.48
N PHE A 329 -6.29 -38.06 8.99
CA PHE A 329 -6.33 -37.55 7.61
C PHE A 329 -6.55 -38.66 6.58
N ASP A 330 -6.01 -39.84 6.89
CA ASP A 330 -6.13 -40.99 6.01
C ASP A 330 -7.56 -41.47 5.90
N GLU A 331 -8.33 -41.33 6.97
CA GLU A 331 -9.72 -41.76 6.99
C GLU A 331 -10.62 -41.05 5.96
N TYR A 332 -10.19 -39.90 5.46
CA TYR A 332 -11.05 -39.08 4.62
C TYR A 332 -10.79 -39.24 3.12
N SER A 333 -11.67 -38.69 2.28
CA SER A 333 -11.54 -38.79 0.83
C SER A 333 -10.68 -37.68 0.21
N SER A 334 -9.50 -38.07 -0.28
CA SER A 334 -8.53 -37.15 -0.86
C SER A 334 -9.07 -36.40 -2.07
N ALA A 335 -10.11 -36.94 -2.68
CA ALA A 335 -10.77 -36.29 -3.81
C ALA A 335 -11.66 -35.13 -3.36
N GLY A 336 -12.04 -35.14 -2.08
CA GLY A 336 -12.98 -34.15 -1.58
C GLY A 336 -12.35 -33.16 -0.61
N ILE A 337 -11.02 -33.09 -0.63
CA ILE A 337 -10.22 -32.20 0.21
C ILE A 337 -9.37 -31.29 -0.65
N PHE A 338 -9.58 -29.98 -0.54
CA PHE A 338 -8.95 -29.05 -1.47
C PHE A 338 -8.00 -28.05 -0.81
N VAL A 339 -7.02 -27.62 -1.59
CA VAL A 339 -6.02 -26.67 -1.11
C VAL A 339 -6.14 -25.43 -1.94
N LYS A 340 -6.41 -24.30 -1.31
CA LYS A 340 -6.60 -23.04 -2.04
C LYS A 340 -5.40 -22.69 -2.90
N ASN A 341 -5.67 -22.16 -4.08
CA ASN A 341 -4.60 -21.79 -5.01
C ASN A 341 -4.11 -20.39 -4.74
N GLY A 342 -2.79 -20.23 -4.76
CA GLY A 342 -2.10 -19.03 -4.30
C GLY A 342 -0.78 -19.45 -3.68
N PRO A 343 -0.24 -18.64 -2.76
CA PRO A 343 1.03 -18.94 -2.09
C PRO A 343 1.08 -20.32 -1.44
N ALA A 344 0.01 -20.69 -0.77
CA ALA A 344 -0.09 -22.03 -0.19
C ALA A 344 0.32 -23.16 -1.14
N ILE A 345 0.24 -22.92 -2.45
CA ILE A 345 0.62 -23.94 -3.41
C ILE A 345 2.14 -24.05 -3.53
N SER A 346 2.83 -22.92 -3.64
CA SER A 346 4.29 -22.92 -3.58
C SER A 346 4.78 -23.60 -2.31
N THR A 347 4.27 -23.14 -1.16
CA THR A 347 4.75 -23.66 0.13
C THR A 347 4.54 -25.14 0.27
N ILE A 348 3.32 -25.61 0.05
CA ILE A 348 3.04 -27.03 0.23
C ILE A 348 3.80 -27.87 -0.78
N SER A 349 4.07 -27.29 -1.95
CA SER A 349 4.91 -27.95 -2.94
C SER A 349 6.31 -28.17 -2.39
N LYS A 350 6.86 -27.13 -1.77
CA LYS A 350 8.16 -27.20 -1.10
C LYS A 350 8.18 -28.28 -0.02
N ASP A 351 7.13 -28.32 0.80
CA ASP A 351 7.09 -29.24 1.94
C ASP A 351 6.82 -30.66 1.52
N ILE A 352 6.01 -30.86 0.48
CA ILE A 352 5.69 -32.21 0.03
C ILE A 352 6.79 -32.83 -0.84
N PHE A 353 7.12 -32.17 -1.95
CA PHE A 353 8.03 -32.74 -2.95
C PHE A 353 9.48 -32.29 -2.79
N GLY A 354 9.68 -31.03 -2.45
CA GLY A 354 11.03 -30.57 -2.15
C GLY A 354 11.45 -29.37 -2.95
N GLU A 355 10.55 -28.87 -3.79
CA GLU A 355 10.80 -27.66 -4.57
C GLU A 355 9.56 -26.78 -4.66
N TRP A 356 9.79 -25.50 -4.91
CA TRP A 356 8.71 -24.52 -5.05
C TRP A 356 7.80 -24.81 -6.25
N ASN A 357 8.40 -24.88 -7.42
CA ASN A 357 7.66 -24.79 -8.68
C ASN A 357 7.16 -26.12 -9.21
N LEU A 358 7.33 -27.18 -8.44
CA LEU A 358 6.98 -28.53 -8.88
C LEU A 358 5.51 -28.67 -9.31
N ILE A 359 4.60 -28.41 -8.38
CA ILE A 359 3.17 -28.39 -8.68
C ILE A 359 2.85 -27.52 -9.91
N ARG A 360 3.40 -26.32 -9.93
CA ARG A 360 3.25 -25.42 -11.05
C ARG A 360 3.83 -26.05 -12.30
N ASP A 361 4.96 -26.73 -12.15
CA ASP A 361 5.62 -27.37 -13.29
C ASP A 361 4.85 -28.56 -13.87
N LYS A 362 4.41 -29.48 -13.01
CA LYS A 362 3.60 -30.60 -13.45
C LYS A 362 2.36 -30.07 -14.16
N TRP A 363 1.76 -29.02 -13.60
CA TRP A 363 0.52 -28.47 -14.15
C TRP A 363 0.75 -27.80 -15.49
N ASN A 364 1.94 -27.26 -15.68
CA ASN A 364 2.34 -26.70 -16.97
C ASN A 364 2.58 -27.82 -18.01
N ALA A 365 3.07 -28.97 -17.55
CA ALA A 365 3.28 -30.13 -18.40
C ALA A 365 1.97 -30.67 -18.92
N GLU A 366 0.92 -30.49 -18.14
CA GLU A 366 -0.39 -31.02 -18.51
C GLU A 366 -1.15 -30.02 -19.37
N TYR A 367 -0.96 -28.73 -19.10
CA TYR A 367 -1.59 -27.70 -19.91
C TYR A 367 -1.01 -27.68 -21.31
N ASP A 368 0.29 -27.92 -21.42
CA ASP A 368 0.93 -27.90 -22.73
C ASP A 368 0.25 -28.91 -23.61
N ASP A 369 0.33 -30.18 -23.21
CA ASP A 369 -0.17 -31.30 -23.98
C ASP A 369 -1.51 -31.02 -24.64
N ILE A 370 -2.40 -30.35 -23.90
CA ILE A 370 -3.67 -29.91 -24.42
C ILE A 370 -3.54 -28.77 -25.43
N HIS A 371 -2.82 -27.70 -25.05
CA HIS A 371 -2.81 -26.48 -25.86
C HIS A 371 -1.60 -26.31 -26.81
N LEU A 372 -0.58 -27.15 -26.64
CA LEU A 372 0.63 -27.06 -27.44
C LEU A 372 0.55 -27.86 -28.75
N LYS A 373 0.21 -27.17 -29.83
CA LYS A 373 0.16 -27.80 -31.15
C LYS A 373 1.59 -28.02 -31.67
N LYS A 374 1.83 -29.16 -32.31
CA LYS A 374 3.18 -29.56 -32.70
C LYS A 374 3.93 -28.57 -33.59
N LYS A 375 3.19 -27.65 -34.22
CA LYS A 375 3.79 -26.47 -34.85
C LYS A 375 4.63 -25.71 -33.82
N ALA A 376 4.22 -25.83 -32.56
CA ALA A 376 5.00 -25.40 -31.41
C ALA A 376 5.46 -23.95 -31.46
N VAL A 377 6.74 -23.76 -31.21
CA VAL A 377 7.31 -22.47 -30.78
C VAL A 377 6.49 -21.76 -29.70
N VAL A 378 6.93 -21.96 -28.46
CA VAL A 378 6.29 -21.35 -27.32
C VAL A 378 6.52 -19.84 -27.39
N THR A 379 5.45 -19.07 -27.35
CA THR A 379 5.60 -17.63 -27.42
C THR A 379 5.27 -16.98 -26.09
N GLU A 380 5.54 -15.69 -26.01
CA GLU A 380 5.35 -14.95 -24.77
C GLU A 380 3.88 -14.97 -24.39
N LYS A 381 3.01 -14.75 -25.37
CA LYS A 381 1.57 -14.72 -25.10
C LYS A 381 1.10 -16.06 -24.59
N TYR A 382 1.51 -17.12 -25.30
CA TYR A 382 1.22 -18.47 -24.86
C TYR A 382 1.54 -18.67 -23.39
N GLU A 383 2.71 -18.20 -22.97
CA GLU A 383 3.13 -18.34 -21.58
C GLU A 383 2.35 -17.41 -20.65
N ASP A 384 1.94 -16.27 -21.16
CA ASP A 384 1.10 -15.34 -20.39
C ASP A 384 -0.30 -15.93 -20.21
N ASP A 385 -0.87 -16.45 -21.28
CA ASP A 385 -2.21 -17.01 -21.22
C ASP A 385 -2.27 -18.25 -20.34
N ARG A 386 -1.28 -19.14 -20.48
CA ARG A 386 -1.21 -20.33 -19.66
C ARG A 386 -1.08 -19.93 -18.18
N ARG A 387 -0.36 -18.85 -17.95
CA ARG A 387 -0.19 -18.30 -16.63
C ARG A 387 -1.53 -17.77 -16.09
N LYS A 388 -2.26 -17.02 -16.92
CA LYS A 388 -3.60 -16.57 -16.55
C LYS A 388 -4.53 -17.73 -16.19
N SER A 389 -4.38 -18.84 -16.89
CA SER A 389 -5.17 -20.05 -16.60
C SER A 389 -4.84 -20.66 -15.22
N PHE A 390 -3.55 -20.82 -14.94
CA PHE A 390 -3.12 -21.35 -13.66
C PHE A 390 -3.66 -20.51 -12.50
N LYS A 391 -3.37 -19.21 -12.53
CA LYS A 391 -3.85 -18.30 -11.51
C LYS A 391 -5.38 -18.43 -11.29
N LYS A 392 -6.09 -18.64 -12.39
CA LYS A 392 -7.55 -18.65 -12.39
C LYS A 392 -8.14 -19.86 -11.66
N ILE A 393 -7.53 -21.03 -11.86
CA ILE A 393 -7.80 -22.24 -11.08
C ILE A 393 -7.95 -21.93 -9.59
N GLY A 394 -9.08 -22.32 -8.98
CA GLY A 394 -9.35 -21.94 -7.61
C GLY A 394 -8.59 -22.75 -6.56
N SER A 395 -8.37 -24.02 -6.83
CA SER A 395 -7.81 -24.93 -5.85
C SER A 395 -7.53 -26.30 -6.45
N PHE A 396 -6.90 -27.16 -5.64
CA PHE A 396 -6.45 -28.48 -6.06
C PHE A 396 -6.86 -29.50 -5.00
N SER A 397 -7.46 -30.59 -5.42
CA SER A 397 -7.82 -31.64 -4.48
C SER A 397 -6.54 -32.33 -4.04
N LEU A 398 -6.63 -33.09 -2.96
CA LEU A 398 -5.48 -33.87 -2.53
C LEU A 398 -5.28 -34.97 -3.56
N GLU A 399 -6.37 -35.44 -4.15
CA GLU A 399 -6.28 -36.44 -5.20
C GLU A 399 -5.46 -35.90 -6.37
N GLN A 400 -5.78 -34.70 -6.85
CA GLN A 400 -5.03 -34.09 -7.95
C GLN A 400 -3.57 -33.94 -7.60
N LEU A 401 -3.30 -33.54 -6.35
CA LEU A 401 -1.93 -33.34 -5.88
C LEU A 401 -1.22 -34.68 -5.81
N GLN A 402 -1.95 -35.72 -5.43
CA GLN A 402 -1.40 -37.06 -5.47
C GLN A 402 -1.22 -37.51 -6.91
N GLU A 403 -1.99 -36.92 -7.83
CA GLU A 403 -1.85 -37.26 -9.25
C GLU A 403 -0.49 -36.80 -9.75
N TYR A 404 0.04 -35.74 -9.13
CA TYR A 404 1.37 -35.30 -9.42
C TYR A 404 2.35 -36.08 -8.57
N ALA A 405 1.86 -36.76 -7.54
CA ALA A 405 2.75 -37.46 -6.63
C ALA A 405 3.38 -38.67 -7.30
N ASP A 406 4.70 -38.63 -7.38
CA ASP A 406 5.50 -39.76 -7.82
C ASP A 406 5.17 -41.00 -6.98
N ALA A 407 5.65 -42.16 -7.39
CA ALA A 407 5.53 -43.34 -6.55
C ALA A 407 6.37 -43.10 -5.30
N ASP A 408 6.16 -43.95 -4.27
CA ASP A 408 6.85 -43.87 -2.98
C ASP A 408 6.39 -42.72 -2.06
N LEU A 409 5.68 -41.74 -2.61
CA LEU A 409 5.33 -40.54 -1.84
C LEU A 409 3.85 -40.30 -1.66
N SER A 410 3.28 -40.80 -0.57
CA SER A 410 1.88 -40.50 -0.25
C SER A 410 1.72 -39.05 0.18
N VAL A 411 1.00 -38.27 -0.61
CA VAL A 411 0.82 -36.85 -0.32
C VAL A 411 0.11 -36.59 1.02
N VAL A 412 -0.92 -37.39 1.32
CA VAL A 412 -1.68 -37.20 2.55
C VAL A 412 -0.82 -37.47 3.80
N GLU A 413 -0.01 -38.52 3.74
CA GLU A 413 0.82 -38.92 4.86
C GLU A 413 1.97 -37.95 5.12
N LYS A 414 2.56 -37.40 4.06
CA LYS A 414 3.63 -36.44 4.21
C LYS A 414 3.06 -35.15 4.79
N LEU A 415 1.83 -34.85 4.39
CA LEU A 415 1.10 -33.69 4.92
C LEU A 415 0.79 -33.90 6.39
N LYS A 416 0.42 -35.12 6.75
CA LYS A 416 0.06 -35.42 8.13
C LYS A 416 1.24 -35.15 9.04
N GLU A 417 2.42 -35.60 8.62
CA GLU A 417 3.61 -35.46 9.42
C GLU A 417 4.07 -34.01 9.52
N ILE A 418 3.71 -33.19 8.55
CA ILE A 418 4.07 -31.78 8.57
C ILE A 418 3.16 -31.01 9.52
N ILE A 419 1.85 -31.25 9.39
CA ILE A 419 0.86 -30.62 10.26
C ILE A 419 1.05 -31.03 11.71
N ILE A 420 1.17 -32.33 11.96
CA ILE A 420 1.33 -32.79 13.32
C ILE A 420 2.58 -32.19 13.95
N GLN A 421 3.61 -32.03 13.13
CA GLN A 421 4.86 -31.48 13.59
C GLN A 421 4.59 -30.11 14.14
N LYS A 422 3.82 -29.33 13.40
CA LYS A 422 3.52 -27.97 13.80
C LYS A 422 2.71 -27.89 15.10
N VAL A 423 1.89 -28.89 15.38
CA VAL A 423 1.13 -28.85 16.63
C VAL A 423 2.04 -29.22 17.79
N ASP A 424 2.92 -30.19 17.59
CA ASP A 424 3.94 -30.51 18.57
C ASP A 424 4.84 -29.31 18.92
N GLU A 425 5.07 -28.44 17.95
CA GLU A 425 5.88 -27.26 18.18
C GLU A 425 5.10 -26.22 18.99
N ILE A 426 3.80 -26.23 18.88
CA ILE A 426 2.99 -25.40 19.77
C ILE A 426 3.07 -25.96 21.21
N TYR A 427 3.01 -27.27 21.38
CA TYR A 427 2.98 -27.82 22.71
C TYR A 427 4.29 -27.67 23.45
N LYS A 428 5.41 -27.74 22.73
CA LYS A 428 6.69 -27.50 23.35
C LYS A 428 6.80 -26.02 23.74
N VAL A 429 6.28 -25.14 22.90
CA VAL A 429 6.38 -23.73 23.21
C VAL A 429 5.45 -23.39 24.38
N TYR A 430 4.36 -24.12 24.54
CA TYR A 430 3.54 -23.92 25.72
C TYR A 430 4.31 -24.24 27.00
N GLY A 431 4.99 -25.38 27.01
CA GLY A 431 5.83 -25.78 28.13
C GLY A 431 6.84 -24.73 28.59
N SER A 432 7.36 -23.95 27.64
CA SER A 432 8.39 -22.95 27.90
C SER A 432 7.80 -21.65 28.37
N SER A 433 6.49 -21.53 28.24
CA SER A 433 5.79 -20.31 28.58
C SER A 433 4.90 -20.55 29.79
N GLU A 434 4.97 -21.76 30.35
CA GLU A 434 3.98 -22.20 31.33
C GLU A 434 3.82 -21.28 32.55
N LYS A 435 4.87 -20.67 33.04
CA LYS A 435 4.70 -19.80 34.22
C LYS A 435 3.81 -18.58 33.99
N LEU A 436 3.80 -18.08 32.75
CA LEU A 436 2.97 -16.93 32.37
C LEU A 436 1.46 -17.17 32.54
N PHE A 437 1.02 -18.43 32.60
CA PHE A 437 -0.40 -18.76 32.72
C PHE A 437 -0.80 -19.16 34.14
N ASP A 438 0.15 -19.09 35.06
CA ASP A 438 -0.11 -19.28 36.48
C ASP A 438 -1.00 -18.17 36.98
N ALA A 439 -2.07 -18.54 37.68
CA ALA A 439 -2.89 -17.58 38.41
C ALA A 439 -2.01 -16.71 39.29
N ASP A 440 -0.96 -17.33 39.81
CA ASP A 440 0.01 -16.69 40.70
C ASP A 440 0.85 -15.60 40.07
N PHE A 441 0.95 -15.58 38.73
CA PHE A 441 1.92 -14.75 38.02
C PHE A 441 1.67 -13.25 38.11
N VAL A 442 2.74 -12.50 38.38
CA VAL A 442 2.73 -11.04 38.41
C VAL A 442 3.90 -10.51 37.63
N LEU A 443 3.66 -9.42 36.90
CA LEU A 443 4.66 -8.74 36.08
C LEU A 443 5.56 -7.88 36.94
N GLU A 444 6.82 -8.26 37.09
CA GLU A 444 7.73 -7.48 37.92
C GLU A 444 8.13 -6.16 37.25
N LYS A 445 8.76 -6.23 36.09
CA LYS A 445 9.16 -5.02 35.39
C LYS A 445 7.96 -4.50 34.62
N SER A 446 8.23 -3.66 33.62
CA SER A 446 7.18 -3.19 32.74
C SER A 446 7.45 -3.80 31.38
N LEU A 447 6.40 -3.99 30.60
CA LEU A 447 6.47 -4.75 29.35
C LEU A 447 7.56 -4.29 28.38
N LYS A 448 7.63 -3.00 28.09
CA LYS A 448 8.64 -2.54 27.17
C LYS A 448 10.04 -2.49 27.80
N LYS A 449 10.12 -2.82 29.09
CA LYS A 449 11.39 -2.98 29.77
C LYS A 449 11.63 -4.48 30.00
N ASN A 450 10.65 -5.30 29.64
CA ASN A 450 10.70 -6.74 29.87
C ASN A 450 10.84 -7.53 28.58
N ASP A 451 12.02 -7.46 27.96
CA ASP A 451 12.30 -8.24 26.77
C ASP A 451 11.95 -9.71 26.94
N ALA A 452 12.36 -10.29 28.06
CA ALA A 452 12.17 -11.72 28.28
C ALA A 452 10.71 -12.14 28.20
N VAL A 453 9.83 -11.45 28.90
CA VAL A 453 8.40 -11.78 28.82
C VAL A 453 7.82 -11.57 27.42
N VAL A 454 8.10 -10.42 26.82
CA VAL A 454 7.63 -10.10 25.48
C VAL A 454 8.02 -11.18 24.47
N ALA A 455 9.22 -11.73 24.61
CA ALA A 455 9.72 -12.80 23.75
C ALA A 455 9.03 -14.12 24.01
N ILE A 456 8.62 -14.35 25.25
CA ILE A 456 7.87 -15.57 25.54
C ILE A 456 6.51 -15.51 24.84
N LYS A 458 5.60 -13.54 22.19
CA LYS A 458 5.80 -13.61 20.75
C LYS A 458 6.05 -15.03 20.26
N ASP A 459 6.89 -15.79 20.97
CA ASP A 459 7.15 -17.17 20.57
C ASP A 459 5.90 -18.01 20.43
N LEU A 460 5.07 -18.01 21.47
CA LEU A 460 3.82 -18.77 21.49
C LEU A 460 2.84 -18.27 20.40
N LEU A 461 2.59 -16.96 20.39
CA LEU A 461 1.73 -16.36 19.38
C LEU A 461 2.17 -16.77 17.98
N ASP A 462 3.46 -16.66 17.69
CA ASP A 462 3.99 -17.04 16.39
C ASP A 462 3.74 -18.51 16.09
N SER A 463 3.95 -19.39 17.06
CA SER A 463 3.79 -20.80 16.75
C SER A 463 2.33 -21.17 16.45
N VAL A 464 1.40 -20.35 16.91
CA VAL A 464 -0.01 -20.68 16.73
C VAL A 464 -0.49 -20.01 15.46
N LYS A 465 -0.12 -18.75 15.31
CA LYS A 465 -0.38 -17.99 14.11
C LYS A 465 0.14 -18.73 12.85
N SER A 466 1.34 -19.29 12.91
CA SER A 466 1.88 -19.99 11.76
C SER A 466 1.11 -21.29 11.49
N PHE A 467 0.79 -22.02 12.56
CA PHE A 467 -0.10 -23.16 12.44
C PHE A 467 -1.43 -22.78 11.80
N GLU A 468 -2.02 -21.68 12.27
CA GLU A 468 -3.29 -21.21 11.75
C GLU A 468 -3.14 -20.88 10.28
N ASN A 469 -2.14 -20.06 9.99
CA ASN A 469 -1.94 -19.57 8.65
C ASN A 469 -1.63 -20.67 7.63
N TYR A 470 -1.00 -21.74 8.09
CA TYR A 470 -0.69 -22.88 7.22
C TYR A 470 -1.92 -23.74 6.96
N ILE A 471 -2.74 -23.93 7.99
CA ILE A 471 -3.90 -24.79 7.93
C ILE A 471 -5.05 -24.17 7.11
N LYS A 472 -5.09 -22.85 7.06
CA LYS A 472 -6.03 -22.07 6.24
C LYS A 472 -6.10 -22.53 4.77
N ALA A 473 -5.03 -23.11 4.26
CA ALA A 473 -4.95 -23.50 2.85
C ALA A 473 -5.99 -24.56 2.47
N PHE A 474 -6.50 -25.29 3.45
CA PHE A 474 -7.44 -26.34 3.18
C PHE A 474 -8.88 -25.86 3.08
N PHE A 475 -9.15 -25.11 2.03
CA PHE A 475 -10.48 -24.75 1.60
C PHE A 475 -10.41 -24.83 0.10
N GLY A 476 -10.15 -23.67 -0.50
CA GLY A 476 -10.17 -23.56 -1.94
C GLY A 476 -11.42 -22.80 -2.29
N GLU A 477 -11.83 -21.95 -1.36
CA GLU A 477 -13.04 -21.13 -1.44
C GLU A 477 -14.30 -21.77 -2.02
N GLY A 478 -14.46 -23.07 -1.88
CA GLY A 478 -15.55 -23.74 -2.56
C GLY A 478 -16.96 -23.44 -2.07
N LYS A 479 -17.91 -23.08 -2.95
CA LYS A 479 -17.80 -22.95 -4.41
C LYS A 479 -17.14 -24.13 -5.16
N GLU A 480 -17.22 -25.32 -4.56
CA GLU A 480 -16.53 -26.47 -5.09
C GLU A 480 -17.53 -27.58 -5.04
N THR A 481 -17.22 -28.65 -5.75
CA THR A 481 -18.15 -29.73 -5.98
C THR A 481 -18.39 -30.56 -4.73
N ASN A 482 -18.32 -31.88 -4.90
CA ASN A 482 -18.35 -32.79 -3.76
C ASN A 482 -17.23 -32.45 -2.80
N ARG A 483 -17.59 -31.94 -1.62
CA ARG A 483 -16.58 -31.72 -0.60
C ARG A 483 -16.77 -32.75 0.51
N ASP A 484 -15.69 -33.14 1.17
CA ASP A 484 -15.82 -34.09 2.27
C ASP A 484 -16.35 -33.34 3.48
N GLU A 485 -17.67 -33.25 3.60
CA GLU A 485 -18.32 -32.47 4.67
C GLU A 485 -18.08 -33.05 6.05
N SER A 486 -17.76 -34.34 6.08
CA SER A 486 -17.31 -35.06 7.27
C SER A 486 -15.96 -34.55 7.79
N PHE A 487 -15.08 -34.17 6.86
CA PHE A 487 -13.84 -33.49 7.19
C PHE A 487 -14.07 -32.00 7.45
N TYR A 488 -14.86 -31.36 6.59
CA TYR A 488 -15.02 -29.91 6.69
C TYR A 488 -16.01 -29.49 7.77
N GLY A 489 -16.69 -30.46 8.37
CA GLY A 489 -17.53 -30.15 9.51
C GLY A 489 -16.63 -29.85 10.67
N ASP A 490 -15.89 -30.88 11.10
CA ASP A 490 -14.90 -30.76 12.17
C ASP A 490 -13.89 -29.60 11.94
N PHE A 491 -13.37 -29.50 10.73
CA PHE A 491 -12.38 -28.48 10.39
C PHE A 491 -12.92 -27.07 10.58
N VAL A 492 -14.14 -26.84 10.13
CA VAL A 492 -14.69 -25.48 10.14
C VAL A 492 -15.13 -25.11 11.55
N LEU A 493 -15.64 -26.08 12.30
CA LEU A 493 -15.98 -25.84 13.68
C LEU A 493 -14.77 -25.31 14.45
N ALA A 494 -13.65 -26.02 14.31
CA ALA A 494 -12.42 -25.72 15.02
C ALA A 494 -11.71 -24.49 14.52
N TYR A 495 -11.66 -24.31 13.20
CA TYR A 495 -10.88 -23.22 12.61
C TYR A 495 -11.45 -21.83 12.87
N ASP A 496 -12.77 -21.74 12.96
CA ASP A 496 -13.41 -20.46 13.21
C ASP A 496 -12.99 -19.90 14.59
N ILE A 497 -12.69 -20.79 15.51
CA ILE A 497 -12.20 -20.41 16.83
C ILE A 497 -10.74 -20.01 16.66
N LEU A 498 -9.91 -20.96 16.23
CA LEU A 498 -8.51 -20.71 15.95
C LEU A 498 -8.21 -19.35 15.33
N LEU A 499 -9.09 -18.87 14.47
CA LEU A 499 -8.86 -17.63 13.72
C LEU A 499 -8.80 -16.40 14.63
N LYS A 500 -9.36 -16.53 15.83
CA LYS A 500 -9.38 -15.45 16.79
C LYS A 500 -7.95 -14.99 17.11
N VAL A 501 -6.98 -15.87 16.94
CA VAL A 501 -5.58 -15.50 17.22
C VAL A 501 -5.07 -14.38 16.35
N ASP A 502 -5.70 -14.14 15.20
CA ASP A 502 -5.18 -13.09 14.30
C ASP A 502 -5.31 -11.71 14.94
N HIS A 503 -6.52 -11.34 15.31
CA HIS A 503 -6.77 -10.15 16.11
C HIS A 503 -5.83 -9.99 17.33
N ILE A 504 -5.76 -11.04 18.16
CA ILE A 504 -4.96 -10.99 19.38
C ILE A 504 -3.52 -10.66 19.01
N TYR A 505 -2.99 -11.40 18.04
CA TYR A 505 -1.61 -11.21 17.60
C TYR A 505 -1.35 -9.77 17.26
N ASP A 506 -2.18 -9.21 16.38
CA ASP A 506 -1.98 -7.84 15.93
C ASP A 506 -2.01 -6.83 17.06
N ALA A 507 -2.95 -6.98 18.00
CA ALA A 507 -3.12 -5.98 19.05
C ALA A 507 -1.94 -5.98 20.01
N ILE A 508 -1.47 -7.17 20.35
CA ILE A 508 -0.36 -7.29 21.27
C ILE A 508 0.89 -6.72 20.60
N ARG A 509 1.05 -6.98 19.31
CA ARG A 509 2.24 -6.51 18.57
C ARG A 509 2.20 -4.99 18.40
N ASN A 510 1.02 -4.43 18.15
CA ASN A 510 0.92 -2.98 18.04
C ASN A 510 1.29 -2.27 19.34
N TYR A 511 0.99 -2.92 20.45
CA TYR A 511 1.22 -2.36 21.77
C TYR A 511 2.70 -2.35 22.15
N VAL A 512 3.37 -3.47 21.95
CA VAL A 512 4.82 -3.54 22.14
C VAL A 512 5.54 -2.61 21.15
N THR A 513 5.02 -2.50 19.95
CA THR A 513 5.73 -1.79 18.89
C THR A 513 5.65 -0.25 18.97
N GLN A 514 4.69 0.21 19.77
CA GLN A 514 4.41 1.61 20.06
C GLN A 514 5.59 2.44 20.54
N LYS A 515 5.66 3.69 20.07
CA LYS A 515 6.61 4.68 20.58
C LYS A 515 6.31 4.92 22.06
N PRO A 516 7.35 5.24 22.88
CA PRO A 516 7.14 5.37 24.33
C PRO A 516 6.25 6.55 24.65
N TYR A 517 6.09 7.45 23.69
CA TYR A 517 5.24 8.62 23.85
C TYR A 517 3.93 8.46 23.07
N SER A 518 3.03 9.42 23.20
CA SER A 518 1.73 9.32 22.54
C SER A 518 1.48 10.57 21.73
N LYS A 519 0.77 10.47 20.61
CA LYS A 519 0.44 11.66 19.82
C LYS A 519 -1.05 11.97 19.86
N ASP A 520 -1.76 11.33 20.79
CA ASP A 520 -3.18 11.55 20.98
C ASP A 520 -3.46 13.01 21.28
N LYS A 521 -4.58 13.53 20.78
CA LYS A 521 -4.85 14.94 20.83
C LYS A 521 -6.32 15.13 20.58
N PHE A 522 -6.78 16.37 20.76
CA PHE A 522 -8.19 16.67 20.61
C PHE A 522 -8.39 18.06 20.02
N LYS A 523 -9.44 18.20 19.23
CA LYS A 523 -9.70 19.43 18.49
C LYS A 523 -10.22 20.51 19.42
N LEU A 524 -9.82 21.75 19.15
CA LEU A 524 -10.27 22.87 19.97
C LEU A 524 -11.21 23.78 19.22
N TYR A 525 -12.35 24.06 19.82
CA TYR A 525 -13.27 25.01 19.24
C TYR A 525 -13.41 26.27 20.14
N PHE A 526 -12.99 26.15 21.39
CA PHE A 526 -13.17 27.23 22.37
C PHE A 526 -14.65 27.57 22.47
N GLN A 527 -15.46 26.55 22.71
CA GLN A 527 -16.90 26.72 22.90
C GLN A 527 -17.59 27.39 21.71
N ASN A 528 -17.05 27.14 20.51
CA ASN A 528 -17.52 27.80 19.30
C ASN A 528 -17.59 26.83 18.12
N PRO A 529 -18.82 26.44 17.72
CA PRO A 529 -19.02 25.48 16.63
C PRO A 529 -18.40 25.94 15.32
N GLN A 530 -18.30 27.26 15.13
CA GLN A 530 -17.79 27.80 13.88
C GLN A 530 -16.33 28.30 13.99
N PHE A 531 -15.67 27.97 15.09
CA PHE A 531 -14.29 28.43 15.34
C PHE A 531 -13.33 28.24 14.16
N GLY A 533 -13.33 28.85 10.90
CA GLY A 533 -13.77 28.31 9.62
C GLY A 533 -13.09 28.96 8.44
N GLY A 534 -12.80 30.25 8.60
CA GLY A 534 -12.17 31.02 7.56
C GLY A 534 -11.30 32.11 8.15
N TRP A 535 -10.57 32.80 7.29
CA TRP A 535 -9.59 33.78 7.69
C TRP A 535 -9.87 35.05 6.93
N ASP A 536 -9.57 34.91 5.64
CA ASP A 536 -9.33 35.97 4.69
C ASP A 536 -10.27 37.20 4.75
N LYS A 537 -11.52 36.97 5.12
CA LYS A 537 -12.51 38.04 5.16
C LYS A 537 -12.81 38.46 6.56
N ASP A 538 -13.55 39.55 6.69
CA ASP A 538 -14.19 39.86 7.95
C ASP A 538 -15.51 39.10 8.14
N LYS A 539 -15.33 37.94 8.75
CA LYS A 539 -16.36 37.19 9.44
C LYS A 539 -15.73 36.96 10.81
N GLU A 540 -14.74 37.79 11.11
CA GLU A 540 -13.88 37.62 12.29
C GLU A 540 -14.63 37.70 13.62
N THR A 541 -15.78 38.37 13.63
CA THR A 541 -16.63 38.38 14.81
C THR A 541 -17.24 37.00 15.06
N ASP A 542 -17.36 36.22 13.98
CA ASP A 542 -17.98 34.90 14.01
C ASP A 542 -17.00 33.73 14.18
N TYR A 543 -15.96 33.70 13.34
CA TYR A 543 -14.96 32.64 13.39
C TYR A 543 -14.05 32.80 14.62
N ARG A 544 -13.77 34.07 14.94
CA ARG A 544 -13.06 34.49 16.14
C ARG A 544 -11.58 34.10 16.25
N ALA A 545 -10.92 33.94 15.10
CA ALA A 545 -9.48 33.70 15.03
C ALA A 545 -8.83 34.51 13.91
N THR A 546 -7.62 34.99 14.13
CA THR A 546 -6.96 35.78 13.12
C THR A 546 -5.46 35.63 13.26
N ILE A 547 -4.73 36.27 12.36
CA ILE A 547 -3.29 36.08 12.28
C ILE A 547 -2.56 37.40 12.37
N LEU A 548 -1.55 37.43 13.25
CA LEU A 548 -0.76 38.63 13.49
C LEU A 548 0.71 38.40 13.15
N ARG A 549 1.37 39.47 12.71
CA ARG A 549 2.80 39.45 12.43
C ARG A 549 3.59 40.50 13.26
N TYR A 550 4.77 40.13 13.79
CA TYR A 550 5.66 41.13 14.38
C TYR A 550 7.14 40.89 14.09
N GLY A 551 7.68 41.68 13.16
CA GLY A 551 9.02 41.44 12.65
C GLY A 551 9.02 40.17 11.82
N SER A 552 9.76 39.16 12.27
CA SER A 552 9.85 37.90 11.56
C SER A 552 8.90 36.86 12.13
N LYS A 553 8.20 37.22 13.20
CA LYS A 553 7.36 36.25 13.88
C LYS A 553 5.88 36.39 13.54
N TYR A 554 5.22 35.24 13.48
CA TYR A 554 3.81 35.15 13.15
C TYR A 554 2.97 34.67 14.34
N TYR A 555 1.73 35.12 14.45
CA TYR A 555 0.96 34.74 15.62
C TYR A 555 -0.48 34.41 15.29
N LEU A 556 -1.05 33.53 16.08
CA LEU A 556 -2.47 33.21 15.98
C LEU A 556 -3.17 33.87 17.16
N ALA A 557 -4.21 34.63 16.86
CA ALA A 557 -4.92 35.39 17.88
C ALA A 557 -6.38 34.97 17.90
N ILE A 558 -6.86 34.56 19.08
CA ILE A 558 -8.19 34.01 19.23
C ILE A 558 -9.02 34.91 20.11
N ASP A 560 -12.00 36.19 22.51
CA ASP A 560 -13.05 35.73 23.42
C ASP A 560 -14.39 36.17 22.87
N LYS A 561 -15.41 35.32 23.05
CA LYS A 561 -16.73 35.56 22.46
C LYS A 561 -17.31 36.91 22.89
N LYS A 562 -17.09 37.26 24.15
CA LYS A 562 -17.64 38.49 24.70
C LYS A 562 -16.92 39.71 24.16
N TYR A 563 -15.84 39.48 23.41
CA TYR A 563 -14.99 40.57 22.99
C TYR A 563 -14.59 40.48 21.54
N ALA A 564 -15.44 39.85 20.74
CA ALA A 564 -15.12 39.64 19.33
C ALA A 564 -14.59 40.90 18.64
N LYS A 565 -15.26 42.03 18.86
CA LYS A 565 -14.86 43.24 18.20
C LYS A 565 -13.60 43.87 18.78
N CYS A 566 -13.03 43.26 19.82
CA CYS A 566 -11.91 43.89 20.53
C CYS A 566 -10.76 44.23 19.59
N LEU A 567 -10.62 43.46 18.53
CA LEU A 567 -9.55 43.70 17.57
C LEU A 567 -9.89 44.80 16.56
N GLN A 568 -11.18 45.12 16.44
CA GLN A 568 -11.64 46.09 15.45
C GLN A 568 -10.99 47.45 15.65
N LYS A 569 -11.27 48.07 16.79
CA LYS A 569 -10.80 49.42 17.08
C LYS A 569 -9.42 49.48 17.72
N ILE A 570 -8.37 49.57 16.90
CA ILE A 570 -7.00 49.69 17.40
C ILE A 570 -6.19 50.66 16.55
N ASP A 571 -5.65 51.71 17.18
CA ASP A 571 -4.90 52.74 16.44
C ASP A 571 -3.63 52.23 15.74
N LYS A 572 -3.20 52.98 14.73
CA LYS A 572 -2.00 52.65 13.96
C LYS A 572 -0.74 53.11 14.70
N ASP A 573 -0.94 53.64 15.91
CA ASP A 573 0.11 53.81 16.91
C ASP A 573 1.14 54.89 16.61
N ASP A 574 2.37 54.46 16.31
CA ASP A 574 3.57 55.30 16.24
C ASP A 574 4.13 55.62 17.62
N VAL A 575 3.77 54.81 18.61
CA VAL A 575 4.44 54.83 19.91
C VAL A 575 5.51 53.75 19.80
N ASN A 576 5.69 53.28 18.58
CA ASN A 576 6.76 52.36 18.21
C ASN A 576 6.54 50.95 18.72
N GLY A 577 5.41 50.42 18.28
CA GLY A 577 4.99 49.06 18.61
C GLY A 577 3.74 48.67 17.87
N ASN A 578 3.90 47.87 16.82
CA ASN A 578 2.77 47.44 16.03
C ASN A 578 2.90 46.03 15.48
N TYR A 579 2.04 45.15 15.97
CA TYR A 579 1.77 43.92 15.26
C TYR A 579 1.19 44.36 13.91
N GLU A 580 1.48 43.60 12.85
CA GLU A 580 0.72 43.74 11.61
C GLU A 580 -0.47 42.79 11.73
N LYS A 581 -1.60 43.19 11.16
CA LYS A 581 -2.88 42.54 11.41
C LYS A 581 -3.43 42.05 10.07
N ILE A 582 -3.99 40.84 10.01
CA ILE A 582 -4.45 40.30 8.72
C ILE A 582 -5.86 40.73 8.33
N ASN A 583 -6.05 41.00 7.05
CA ASN A 583 -7.40 41.18 6.48
C ASN A 583 -7.46 40.55 5.08
N TYR A 584 -8.42 41.01 4.28
CA TYR A 584 -8.50 40.81 2.80
C TYR A 584 -8.46 39.47 2.03
N LYS A 585 -9.56 38.77 2.24
CA LYS A 585 -10.48 38.59 1.15
C LYS A 585 -10.19 37.53 0.15
N LEU A 586 -11.16 36.64 0.11
CA LEU A 586 -11.24 35.60 -0.87
C LEU A 586 -12.63 35.69 -1.48
N LEU A 587 -12.67 35.80 -2.80
CA LEU A 587 -13.95 35.69 -3.50
C LEU A 587 -14.09 34.23 -3.92
N PRO A 588 -15.00 33.48 -3.27
CA PRO A 588 -15.04 32.02 -3.44
C PRO A 588 -15.94 31.59 -4.58
N GLY A 589 -15.43 30.72 -5.44
CA GLY A 589 -16.15 30.22 -6.60
C GLY A 589 -16.95 31.27 -7.37
N PRO A 590 -16.27 32.03 -8.24
CA PRO A 590 -16.92 33.08 -9.03
C PRO A 590 -18.10 32.54 -9.85
N ASN A 591 -17.93 31.34 -10.42
CA ASN A 591 -18.93 30.76 -11.31
C ASN A 591 -20.29 30.53 -10.65
N LYS A 592 -20.31 30.26 -9.35
CA LYS A 592 -21.58 30.14 -8.64
C LYS A 592 -21.99 31.49 -8.07
N LEU A 594 -20.92 34.93 -8.81
CA LEU A 594 -21.22 36.12 -9.59
C LEU A 594 -22.68 36.13 -10.00
N PRO A 595 -23.21 34.99 -10.49
CA PRO A 595 -24.65 35.02 -10.80
C PRO A 595 -25.56 35.04 -9.58
N LYS A 596 -25.08 34.61 -8.43
CA LYS A 596 -25.95 34.54 -7.26
C LYS A 596 -26.13 35.92 -6.68
N VAL A 597 -25.08 36.74 -6.80
CA VAL A 597 -25.15 38.12 -6.35
C VAL A 597 -25.88 38.99 -7.36
N PHE A 598 -25.44 38.93 -8.61
CA PHE A 598 -25.84 39.92 -9.59
C PHE A 598 -27.20 39.66 -10.23
N PHE A 599 -27.85 38.57 -9.83
CA PHE A 599 -29.21 38.30 -10.27
C PHE A 599 -30.15 38.16 -9.07
N SER A 600 -29.92 38.99 -8.05
CA SER A 600 -30.52 38.77 -6.73
C SER A 600 -31.70 39.68 -6.42
N LYS A 601 -32.18 40.40 -7.41
CA LYS A 601 -33.31 41.32 -7.25
C LYS A 601 -32.93 42.59 -6.50
N LYS A 602 -32.14 42.46 -5.43
CA LYS A 602 -31.55 43.65 -4.81
C LYS A 602 -30.65 44.29 -5.83
N TRP A 603 -29.85 43.47 -6.51
CA TRP A 603 -28.99 43.96 -7.56
C TRP A 603 -29.83 44.31 -8.78
N ALA A 605 -32.50 45.67 -8.82
CA ALA A 605 -33.12 46.96 -8.58
C ALA A 605 -32.02 48.02 -8.68
N TYR A 606 -31.02 47.90 -7.80
CA TYR A 606 -29.79 48.70 -7.81
C TYR A 606 -29.19 48.84 -9.21
N TYR A 607 -29.46 47.86 -10.06
CA TYR A 607 -29.04 47.81 -11.46
C TYR A 607 -30.34 47.46 -12.17
N ASN A 608 -30.40 47.55 -13.49
CA ASN A 608 -31.68 47.28 -14.13
C ASN A 608 -32.23 45.84 -14.04
N PRO A 609 -31.58 44.84 -14.69
CA PRO A 609 -30.61 44.77 -15.79
C PRO A 609 -31.39 44.55 -17.07
N SER A 610 -30.71 44.28 -18.18
CA SER A 610 -31.42 43.99 -19.43
C SER A 610 -32.06 42.59 -19.43
N GLU A 611 -33.03 42.39 -20.31
CA GLU A 611 -33.70 41.09 -20.48
C GLU A 611 -32.94 40.18 -21.43
N ASP A 612 -32.05 40.76 -22.23
CA ASP A 612 -31.15 39.98 -23.07
C ASP A 612 -30.18 39.23 -22.16
N ILE A 613 -29.74 39.89 -21.09
CA ILE A 613 -28.83 39.26 -20.13
C ILE A 613 -29.51 38.11 -19.36
N GLN A 614 -30.66 38.40 -18.77
CA GLN A 614 -31.44 37.40 -18.05
C GLN A 614 -31.73 36.14 -18.88
N LYS A 615 -32.18 36.33 -20.11
CA LYS A 615 -32.49 35.19 -21.00
C LYS A 615 -31.26 34.33 -21.28
N ILE A 616 -30.13 34.97 -21.55
CA ILE A 616 -28.86 34.26 -21.75
C ILE A 616 -28.50 33.39 -20.56
N TYR A 617 -28.69 33.92 -19.35
CA TYR A 617 -28.34 33.17 -18.15
C TYR A 617 -29.27 31.99 -17.91
N LYS A 618 -30.58 32.24 -17.97
CA LYS A 618 -31.55 31.21 -17.66
C LYS A 618 -31.46 30.04 -18.62
N ASN A 619 -31.22 30.34 -19.90
CA ASN A 619 -31.08 29.30 -20.90
C ASN A 619 -29.66 28.77 -20.92
N GLY A 620 -28.72 29.60 -20.50
CA GLY A 620 -27.33 29.21 -20.45
C GLY A 620 -26.69 29.14 -21.82
N THR A 621 -26.89 30.19 -22.62
CA THR A 621 -26.28 30.22 -23.95
C THR A 621 -24.82 30.66 -23.85
N PHE A 622 -24.33 30.82 -22.62
CA PHE A 622 -22.95 31.23 -22.38
C PHE A 622 -22.07 30.04 -22.06
N LYS A 623 -22.68 28.91 -21.75
CA LYS A 623 -21.90 27.74 -21.37
C LYS A 623 -21.41 27.05 -22.63
N LYS A 624 -20.70 25.93 -22.46
CA LYS A 624 -20.41 25.03 -23.56
C LYS A 624 -21.68 24.23 -23.90
N GLY A 625 -21.56 23.31 -24.85
CA GLY A 625 -22.65 22.39 -25.12
C GLY A 625 -23.56 22.84 -26.24
N ASP A 626 -22.96 23.30 -27.33
CA ASP A 626 -23.66 23.63 -28.58
C ASP A 626 -24.90 24.54 -28.48
N PHE A 628 -23.96 27.32 -27.05
CA PHE A 628 -23.02 28.42 -26.91
C PHE A 628 -23.18 29.46 -28.00
N ASN A 629 -23.17 30.72 -27.58
CA ASN A 629 -23.19 31.84 -28.51
C ASN A 629 -22.20 32.89 -28.01
N LEU A 630 -21.08 32.98 -28.71
CA LEU A 630 -19.96 33.84 -28.33
C LEU A 630 -20.40 35.23 -27.96
N ASN A 631 -21.31 35.80 -28.73
CA ASN A 631 -21.76 37.14 -28.44
C ASN A 631 -22.68 37.15 -27.22
N ASP A 632 -23.43 36.07 -27.04
CA ASP A 632 -24.28 35.95 -25.86
C ASP A 632 -23.40 35.86 -24.62
N CYS A 633 -22.31 35.13 -24.77
CA CYS A 633 -21.34 34.95 -23.71
C CYS A 633 -20.71 36.27 -23.35
N HIS A 634 -20.28 36.99 -24.39
CA HIS A 634 -19.60 38.26 -24.22
C HIS A 634 -20.49 39.30 -23.58
N LYS A 635 -21.78 39.19 -23.83
CA LYS A 635 -22.71 40.12 -23.23
C LYS A 635 -22.76 39.85 -21.74
N LEU A 636 -22.78 38.57 -21.38
CA LEU A 636 -22.83 38.20 -19.97
C LEU A 636 -21.60 38.75 -19.23
N ILE A 637 -20.43 38.54 -19.84
CA ILE A 637 -19.16 39.01 -19.31
C ILE A 637 -19.24 40.50 -19.05
N ASP A 638 -19.63 41.26 -20.07
CA ASP A 638 -19.69 42.71 -19.96
C ASP A 638 -20.67 43.16 -18.89
N PHE A 639 -21.79 42.48 -18.80
CA PHE A 639 -22.72 42.70 -17.70
C PHE A 639 -22.01 42.52 -16.36
N PHE A 640 -21.38 41.35 -16.17
CA PHE A 640 -20.60 41.06 -14.97
C PHE A 640 -19.50 42.09 -14.71
N LYS A 641 -18.67 42.36 -15.72
CA LYS A 641 -17.60 43.36 -15.64
C LYS A 641 -18.07 44.71 -15.10
N ASP A 642 -19.14 45.21 -15.69
CA ASP A 642 -19.69 46.49 -15.33
C ASP A 642 -20.35 46.41 -13.97
N SER A 643 -21.04 45.30 -13.70
CA SER A 643 -21.64 45.08 -12.39
C SER A 643 -20.55 45.11 -11.32
N ILE A 644 -19.36 44.70 -11.72
CA ILE A 644 -18.22 44.69 -10.82
C ILE A 644 -17.75 46.11 -10.45
N SER A 645 -17.74 47.02 -11.41
CA SER A 645 -17.39 48.43 -11.16
C SER A 645 -18.26 49.01 -10.07
N ARG A 646 -19.51 48.57 -10.05
CA ARG A 646 -20.55 49.18 -9.25
C ARG A 646 -20.93 48.36 -8.02
N TYR A 647 -20.06 47.43 -7.63
CA TYR A 647 -20.29 46.67 -6.40
C TYR A 647 -19.16 46.90 -5.41
N PRO A 648 -19.40 47.77 -4.43
CA PRO A 648 -18.42 48.25 -3.44
C PRO A 648 -17.70 47.13 -2.68
N LYS A 649 -18.46 46.19 -2.11
CA LYS A 649 -17.87 45.11 -1.34
C LYS A 649 -16.70 44.47 -2.07
N TRP A 650 -16.85 44.26 -3.38
CA TRP A 650 -15.81 43.61 -4.17
C TRP A 650 -14.75 44.55 -4.76
N SER A 651 -15.14 45.69 -5.29
CA SER A 651 -14.18 46.58 -5.95
C SER A 651 -13.32 47.44 -5.01
N ASN A 652 -13.61 47.38 -3.70
CA ASN A 652 -12.71 47.99 -2.72
C ASN A 652 -11.89 46.91 -2.02
N ALA A 653 -12.10 45.67 -2.45
CA ALA A 653 -11.40 44.54 -1.88
C ALA A 653 -10.31 44.05 -2.83
N TYR A 654 -10.68 43.89 -4.11
CA TYR A 654 -9.78 43.32 -5.10
C TYR A 654 -9.44 44.27 -6.24
N ASP A 655 -8.25 44.11 -6.78
CA ASP A 655 -7.78 44.90 -7.91
C ASP A 655 -8.05 44.17 -9.22
N PHE A 656 -9.27 44.27 -9.73
CA PHE A 656 -9.60 43.63 -10.99
C PHE A 656 -8.93 44.30 -12.18
N ASN A 657 -8.22 43.51 -12.97
CA ASN A 657 -7.61 43.92 -14.23
C ASN A 657 -8.04 42.89 -15.25
N PHE A 658 -9.10 43.20 -15.97
CA PHE A 658 -9.76 42.23 -16.82
C PHE A 658 -9.25 42.30 -18.25
N SER A 659 -9.06 41.12 -18.84
CA SER A 659 -8.80 41.00 -20.26
C SER A 659 -9.93 41.64 -21.05
N GLU A 660 -9.61 42.11 -22.25
CA GLU A 660 -10.62 42.56 -23.20
C GLU A 660 -11.70 41.49 -23.35
N THR A 661 -12.96 41.91 -23.42
CA THR A 661 -14.07 40.95 -23.49
C THR A 661 -14.00 40.06 -24.72
N GLU A 662 -13.47 40.58 -25.82
CA GLU A 662 -13.43 39.87 -27.09
C GLU A 662 -12.47 38.69 -27.08
N LYS A 663 -11.36 38.82 -26.38
CA LYS A 663 -10.38 37.75 -26.39
C LYS A 663 -10.73 36.62 -25.42
N TYR A 664 -11.86 36.76 -24.73
CA TYR A 664 -12.44 35.61 -24.05
C TYR A 664 -13.12 34.73 -25.09
N LYS A 665 -12.68 33.48 -25.14
CA LYS A 665 -13.31 32.47 -25.97
C LYS A 665 -14.53 31.90 -25.27
N ASP A 666 -14.34 31.44 -24.03
CA ASP A 666 -15.48 31.02 -23.24
C ASP A 666 -15.60 31.79 -21.94
N ILE A 667 -16.50 31.33 -21.09
CA ILE A 667 -16.84 32.02 -19.88
C ILE A 667 -15.85 31.64 -18.77
N ALA A 668 -15.24 30.46 -18.88
CA ALA A 668 -14.25 30.03 -17.90
C ALA A 668 -12.99 30.89 -17.94
N GLY A 669 -12.78 31.56 -19.07
CA GLY A 669 -11.62 32.40 -19.25
C GLY A 669 -11.80 33.62 -18.37
N PHE A 670 -13.01 34.17 -18.41
CA PHE A 670 -13.36 35.28 -17.54
C PHE A 670 -13.36 34.87 -16.06
N TYR A 671 -13.94 33.70 -15.77
CA TYR A 671 -14.07 33.24 -14.37
C TYR A 671 -12.70 33.03 -13.74
N ARG A 672 -11.74 32.57 -14.52
CA ARG A 672 -10.43 32.30 -13.96
C ARG A 672 -9.80 33.59 -13.48
N GLU A 673 -9.93 34.64 -14.29
CA GLU A 673 -9.41 35.96 -13.93
C GLU A 673 -10.06 36.51 -12.68
N VAL A 674 -11.37 36.31 -12.53
CA VAL A 674 -12.05 36.73 -11.32
C VAL A 674 -11.51 35.94 -10.14
N GLU A 675 -11.40 34.62 -10.31
CA GLU A 675 -10.84 33.76 -9.27
C GLU A 675 -9.38 34.13 -8.93
N GLU A 676 -8.60 34.40 -9.98
CA GLU A 676 -7.21 34.76 -9.82
C GLU A 676 -7.03 36.09 -9.10
N GLN A 677 -7.79 37.11 -9.51
CA GLN A 677 -7.74 38.41 -8.87
C GLN A 677 -8.63 38.54 -7.61
N GLY A 678 -9.58 37.64 -7.42
CA GLY A 678 -10.47 37.73 -6.25
C GLY A 678 -9.87 37.22 -4.96
N TYR A 679 -8.59 37.54 -4.75
CA TYR A 679 -7.88 37.18 -3.53
C TYR A 679 -6.79 38.25 -3.37
N LYS A 680 -6.71 38.85 -2.20
CA LYS A 680 -5.73 39.95 -2.06
C LYS A 680 -4.57 39.74 -1.09
N VAL A 681 -4.88 39.81 0.19
CA VAL A 681 -3.87 39.69 1.26
C VAL A 681 -2.70 40.75 1.35
N SER A 682 -2.82 41.63 2.34
CA SER A 682 -1.75 42.55 2.80
C SER A 682 -1.85 42.75 4.34
N PHE A 683 -1.36 43.85 4.90
CA PHE A 683 -1.44 43.93 6.37
C PHE A 683 -1.92 45.25 6.98
N GLU A 684 -2.69 45.14 8.05
CA GLU A 684 -3.13 46.28 8.86
C GLU A 684 -2.11 46.59 9.96
N SER A 685 -2.43 47.55 10.82
CA SER A 685 -1.52 47.97 11.88
C SER A 685 -2.23 48.16 13.21
N ALA A 686 -1.69 47.53 14.25
CA ALA A 686 -2.36 47.51 15.55
C ALA A 686 -1.41 47.59 16.73
N SER A 687 -1.68 48.53 17.63
CA SER A 687 -0.84 48.82 18.80
C SER A 687 -0.41 47.60 19.58
N LYS A 688 0.90 47.41 19.66
CA LYS A 688 1.44 46.28 20.37
C LYS A 688 1.02 46.29 21.83
N LYS A 689 1.17 47.45 22.47
CA LYS A 689 0.85 47.60 23.88
C LYS A 689 -0.63 47.29 24.13
N GLU A 690 -1.49 47.83 23.27
CA GLU A 690 -2.94 47.63 23.41
C GLU A 690 -3.39 46.16 23.36
N VAL A 691 -3.07 45.42 22.30
CA VAL A 691 -3.45 44.00 22.28
C VAL A 691 -2.71 43.16 23.32
N ASP A 692 -1.43 43.47 23.57
CA ASP A 692 -0.66 42.78 24.60
C ASP A 692 -1.46 42.76 25.91
N LYS A 693 -2.03 43.92 26.24
CA LYS A 693 -2.94 44.07 27.37
C LYS A 693 -4.25 43.29 27.19
N LEU A 694 -4.77 43.24 25.97
CA LEU A 694 -5.95 42.41 25.69
C LEU A 694 -5.67 40.97 26.10
N VAL A 695 -4.42 40.55 25.93
CA VAL A 695 -4.02 39.19 26.30
C VAL A 695 -4.08 39.07 27.80
N GLU A 696 -3.45 40.03 28.49
CA GLU A 696 -3.46 40.07 29.94
C GLU A 696 -4.87 39.98 30.54
N GLU A 697 -5.79 40.77 29.99
CA GLU A 697 -7.15 40.81 30.49
C GLU A 697 -7.96 39.58 30.06
N GLY A 698 -7.39 38.77 29.19
CA GLY A 698 -8.07 37.58 28.71
C GLY A 698 -9.20 37.91 27.77
N LYS A 699 -9.10 39.05 27.11
CA LYS A 699 -10.04 39.42 26.04
C LYS A 699 -9.56 38.77 24.76
N LEU A 700 -8.29 38.36 24.78
CA LEU A 700 -7.65 37.83 23.60
C LEU A 700 -6.64 36.77 24.00
N TYR A 701 -6.57 35.70 23.23
CA TYR A 701 -5.61 34.64 23.47
C TYR A 701 -4.66 34.55 22.29
N PHE A 703 -0.94 32.95 20.49
CA PHE A 703 -0.03 31.82 20.34
C PHE A 703 0.96 32.18 19.25
N GLN A 704 2.24 31.89 19.46
CA GLN A 704 3.19 31.99 18.37
C GLN A 704 3.14 30.73 17.50
N ILE A 705 3.19 30.95 16.20
CA ILE A 705 3.13 29.91 15.23
C ILE A 705 4.59 29.62 14.95
N TYR A 706 4.97 28.39 15.24
CA TYR A 706 6.37 28.07 15.41
C TYR A 706 6.77 26.68 14.96
N ASN A 707 7.87 26.62 14.20
CA ASN A 707 8.69 25.41 14.14
C ASN A 707 10.12 25.86 14.29
N LYS A 708 11.04 24.92 14.47
CA LYS A 708 12.43 25.26 14.79
C LYS A 708 13.09 26.28 13.85
N ASP A 709 12.62 26.35 12.60
CA ASP A 709 13.15 27.32 11.65
C ASP A 709 12.89 28.78 12.06
N PHE A 710 11.99 28.99 13.03
CA PHE A 710 11.74 30.33 13.59
C PHE A 710 12.57 30.62 14.84
N SER A 711 13.45 29.70 15.17
CA SER A 711 14.32 29.92 16.30
C SER A 711 15.34 30.95 15.88
N ASP A 712 15.64 31.87 16.79
CA ASP A 712 16.71 32.84 16.58
C ASP A 712 18.08 32.19 16.34
N LYS A 713 18.22 30.89 16.59
CA LYS A 713 19.48 30.19 16.37
C LYS A 713 19.44 29.28 15.15
N SER A 714 18.36 29.35 14.38
CA SER A 714 18.28 28.58 13.16
C SER A 714 19.05 29.31 12.08
N HIS A 715 20.06 28.67 11.49
CA HIS A 715 20.93 29.32 10.50
C HIS A 715 20.94 28.53 9.19
N GLY A 716 20.35 27.33 9.20
CA GLY A 716 20.44 26.44 8.06
C GLY A 716 19.32 26.70 7.05
N THR A 717 19.41 25.99 5.93
CA THR A 717 18.32 25.90 4.96
C THR A 717 17.11 25.39 5.66
N PRO A 718 15.99 26.12 5.54
CA PRO A 718 14.71 25.78 6.17
C PRO A 718 13.97 24.59 5.56
N ASN A 719 13.09 24.02 6.37
CA ASN A 719 12.08 23.11 5.91
C ASN A 719 11.28 23.66 4.74
N LEU A 720 10.92 22.79 3.81
CA LEU A 720 10.16 23.20 2.64
C LEU A 720 8.89 23.91 3.08
N HIS A 721 8.19 23.34 4.05
CA HIS A 721 6.92 23.91 4.49
C HIS A 721 7.09 25.27 5.13
N THR A 722 8.28 25.52 5.67
CA THR A 722 8.52 26.82 6.24
C THR A 722 8.50 27.88 5.14
N TYR A 724 6.92 27.62 2.28
CA TYR A 724 5.53 27.77 1.81
C TYR A 724 4.79 28.79 2.67
N PHE A 725 4.95 28.67 3.99
CA PHE A 725 4.26 29.51 4.92
C PHE A 725 4.69 30.97 4.82
N LYS A 726 5.99 31.24 4.87
CA LYS A 726 6.46 32.62 4.70
C LYS A 726 6.00 33.19 3.37
N LEU A 727 6.17 32.41 2.31
CA LEU A 727 5.85 32.86 0.96
C LEU A 727 4.39 33.29 0.83
N LEU A 728 3.53 32.77 1.70
CA LEU A 728 2.14 33.19 1.75
C LEU A 728 2.09 34.70 1.78
N PHE A 729 2.99 35.34 2.53
CA PHE A 729 2.91 36.80 2.73
C PHE A 729 4.05 37.61 2.13
N ASP A 730 4.63 37.14 1.04
CA ASP A 730 5.77 37.80 0.41
C ASP A 730 5.28 38.55 -0.83
N GLU A 731 5.81 39.76 -1.04
CA GLU A 731 5.44 40.60 -2.17
C GLU A 731 5.60 39.86 -3.48
N ASN A 732 6.67 39.07 -3.58
CA ASN A 732 6.97 38.36 -4.81
C ASN A 732 6.03 37.19 -5.08
N ASN A 733 5.10 36.93 -4.16
CA ASN A 733 4.09 35.90 -4.35
C ASN A 733 2.82 36.49 -4.89
N HIS A 734 2.74 36.54 -6.22
CA HIS A 734 1.45 36.56 -6.87
C HIS A 734 1.08 35.14 -7.00
N GLY A 735 2.14 34.30 -7.11
CA GLY A 735 2.24 33.27 -8.17
C GLY A 735 2.62 31.80 -8.27
N GLN A 736 2.00 30.91 -7.49
CA GLN A 736 1.06 31.35 -6.45
C GLN A 736 0.75 30.27 -5.44
N ILE A 737 0.90 30.64 -4.17
CA ILE A 737 0.49 29.83 -3.03
C ILE A 737 -0.46 30.72 -2.23
N ARG A 738 -1.56 30.13 -1.75
CA ARG A 738 -2.63 30.89 -1.10
C ARG A 738 -3.04 30.23 0.19
N LEU A 739 -3.58 31.06 1.08
CA LEU A 739 -4.08 30.65 2.38
C LEU A 739 -5.55 30.29 2.28
N SER A 740 -5.94 29.16 2.85
CA SER A 740 -7.33 28.69 2.76
C SER A 740 -7.89 28.47 4.15
N GLY A 741 -9.21 28.47 4.24
CA GLY A 741 -9.89 28.15 5.49
C GLY A 741 -9.86 26.68 5.81
N GLY A 742 -10.51 26.30 6.91
CA GLY A 742 -10.50 24.93 7.36
C GLY A 742 -9.29 24.67 8.23
N ALA A 743 -8.74 25.73 8.83
CA ALA A 743 -7.63 25.58 9.78
C ALA A 743 -8.16 24.94 11.06
N GLU A 744 -7.35 24.10 11.68
CA GLU A 744 -7.76 23.55 12.96
C GLU A 744 -6.67 23.68 14.01
N LEU A 745 -7.10 23.85 15.25
CA LEU A 745 -6.19 23.90 16.37
C LEU A 745 -6.42 22.66 17.24
N PHE A 746 -5.33 21.99 17.64
CA PHE A 746 -5.42 20.81 18.49
C PHE A 746 -4.62 20.98 19.78
N ARG A 748 -2.20 18.72 22.28
CA ARG A 748 -1.56 17.43 22.52
C ARG A 748 -0.97 17.37 23.92
N ARG A 749 -1.73 16.73 24.80
CA ARG A 749 -1.33 16.57 26.19
C ARG A 749 -0.01 15.84 26.23
N ALA A 750 0.84 16.24 27.17
CA ALA A 750 2.18 15.65 27.35
C ALA A 750 2.09 14.17 27.73
N SER A 751 3.06 13.37 27.31
CA SER A 751 3.03 11.95 27.63
C SER A 751 4.32 11.45 28.28
N LEU A 752 5.35 12.28 28.30
CA LEU A 752 6.54 11.96 29.05
C LEU A 752 6.67 12.95 30.19
N LYS A 753 7.27 12.52 31.30
CA LYS A 753 7.62 13.46 32.37
C LYS A 753 9.06 13.90 32.17
N LYS A 754 9.29 15.21 32.14
CA LYS A 754 10.62 15.75 31.87
C LYS A 754 11.75 15.13 32.73
N GLU A 755 11.48 14.90 34.01
CA GLU A 755 12.50 14.34 34.88
C GLU A 755 12.89 12.91 34.45
N GLU A 756 12.04 12.27 33.67
CA GLU A 756 12.29 10.88 33.30
C GLU A 756 12.93 10.67 31.92
N LEU A 757 13.23 11.76 31.22
CA LEU A 757 13.88 11.67 29.90
C LEU A 757 15.37 11.31 29.99
N VAL A 758 15.85 10.61 28.97
CA VAL A 758 17.27 10.42 28.85
C VAL A 758 17.87 11.78 28.51
N VAL A 759 18.98 12.13 29.18
CA VAL A 759 19.62 13.42 28.98
C VAL A 759 21.13 13.25 28.79
N HIS A 760 21.69 13.97 27.82
CA HIS A 760 23.15 14.14 27.73
C HIS A 760 23.51 15.44 28.46
N PRO A 761 24.08 15.31 29.66
CA PRO A 761 24.36 16.48 30.51
C PRO A 761 25.41 17.42 29.92
N ALA A 762 25.16 18.71 30.05
CA ALA A 762 26.08 19.75 29.61
C ALA A 762 27.50 19.49 30.07
N ASN A 763 28.44 19.87 29.20
CA ASN A 763 29.88 19.86 29.49
C ASN A 763 30.49 18.49 29.56
N SER A 764 29.75 17.49 29.08
CA SER A 764 30.35 16.18 28.91
C SER A 764 30.27 15.77 27.46
N PRO A 765 31.36 15.25 26.92
CA PRO A 765 31.35 14.80 25.52
C PRO A 765 30.26 13.74 25.29
N ILE A 766 29.51 13.89 24.21
CA ILE A 766 28.58 12.90 23.72
C ILE A 766 29.21 12.24 22.48
N ALA A 767 29.24 10.91 22.44
CA ALA A 767 29.73 10.21 21.28
C ALA A 767 28.87 10.49 20.05
N ASN A 768 29.54 10.70 18.92
CA ASN A 768 28.86 10.84 17.63
C ASN A 768 28.76 9.47 17.04
N LYS A 769 27.64 9.22 16.37
CA LYS A 769 27.23 7.86 15.99
C LYS A 769 27.52 7.53 14.52
N ASN A 770 27.68 8.53 13.67
CA ASN A 770 27.96 8.28 12.25
C ASN A 770 29.43 7.90 12.06
N PRO A 771 29.69 6.69 11.60
CA PRO A 771 31.11 6.32 11.56
C PRO A 771 31.85 7.14 10.49
N ASP A 772 31.11 7.68 9.53
CA ASP A 772 31.73 8.54 8.53
C ASP A 772 31.82 9.98 8.95
N ASN A 773 31.43 10.28 10.18
CA ASN A 773 31.64 11.63 10.66
C ASN A 773 33.03 11.70 11.23
N PRO A 774 33.90 12.50 10.64
CA PRO A 774 35.30 12.46 11.13
C PRO A 774 35.47 13.02 12.55
N LYS A 775 34.59 13.90 13.00
CA LYS A 775 34.59 14.35 14.40
C LYS A 775 33.96 13.28 15.33
N LYS A 776 34.67 12.87 16.37
CA LYS A 776 34.23 11.72 17.18
C LYS A 776 33.25 12.04 18.33
N THR A 777 33.35 13.23 18.93
CA THR A 777 32.45 13.60 20.01
C THR A 777 31.94 15.02 19.91
N THR A 778 30.88 15.33 20.66
CA THR A 778 30.43 16.71 20.78
C THR A 778 30.20 17.11 22.24
N THR A 779 30.69 18.30 22.59
CA THR A 779 30.49 18.85 23.93
C THR A 779 29.76 20.19 23.86
N LEU A 780 28.55 20.23 24.42
CA LEU A 780 27.71 21.39 24.39
C LEU A 780 27.69 21.90 25.82
N SER A 781 27.25 23.15 26.02
CA SER A 781 27.29 23.79 27.34
C SER A 781 25.90 23.82 27.95
N TYR A 782 25.01 23.01 27.39
CA TYR A 782 23.63 22.93 27.85
C TYR A 782 23.19 21.45 27.67
N ASP A 783 22.03 21.10 28.23
CA ASP A 783 21.56 19.74 28.30
C ASP A 783 20.77 19.34 27.05
N VAL A 784 21.00 18.13 26.54
CA VAL A 784 20.19 17.60 25.44
C VAL A 784 19.28 16.46 25.91
N TYR A 785 17.96 16.58 25.68
CA TYR A 785 16.96 15.62 26.15
C TYR A 785 16.27 14.79 25.04
N LYS A 786 16.35 13.47 25.12
CA LYS A 786 15.60 12.62 24.21
C LYS A 786 14.09 12.96 24.22
N ASP A 787 13.50 13.05 23.03
CA ASP A 787 12.04 13.18 22.88
C ASP A 787 11.41 14.30 23.67
N LYS A 788 12.14 15.38 23.88
CA LYS A 788 11.73 16.50 24.75
C LYS A 788 10.31 17.02 24.48
N ARG A 789 9.93 17.11 23.21
CA ARG A 789 8.64 17.74 22.83
C ARG A 789 7.39 17.04 23.35
N PHE A 790 7.50 15.76 23.71
CA PHE A 790 6.38 15.03 24.28
C PHE A 790 6.24 15.16 25.79
N SER A 791 7.15 15.90 26.43
CA SER A 791 7.05 16.14 27.89
C SER A 791 6.30 17.41 28.26
N GLU A 792 5.82 18.14 27.27
CA GLU A 792 5.00 19.32 27.50
C GLU A 792 3.69 19.27 26.71
N ASP A 793 2.58 19.63 27.35
CA ASP A 793 1.33 19.91 26.65
C ASP A 793 1.63 20.75 25.40
N GLN A 794 1.13 20.31 24.24
CA GLN A 794 1.46 21.00 23.02
C GLN A 794 0.25 21.36 22.15
N TYR A 795 0.11 22.64 21.84
CA TYR A 795 -0.86 23.12 20.86
C TYR A 795 -0.27 22.98 19.47
N GLU A 796 -1.04 22.41 18.53
CA GLU A 796 -0.62 22.35 17.12
C GLU A 796 -1.64 22.91 16.13
N LEU A 797 -1.13 23.66 15.16
CA LEU A 797 -1.97 24.42 14.24
C LEU A 797 -1.80 23.95 12.79
N HIS A 798 -2.85 23.39 12.22
CA HIS A 798 -2.80 22.90 10.83
C HIS A 798 -3.39 23.92 9.89
N ILE A 799 -2.59 24.41 8.96
CA ILE A 799 -3.10 25.43 8.06
C ILE A 799 -3.09 24.96 6.60
N PRO A 800 -4.27 24.97 5.99
CA PRO A 800 -4.46 24.56 4.60
C PRO A 800 -4.02 25.62 3.61
N ILE A 801 -3.37 25.19 2.54
CA ILE A 801 -2.97 26.11 1.50
C ILE A 801 -3.37 25.57 0.13
N ALA A 802 -3.39 26.47 -0.85
CA ALA A 802 -3.77 26.14 -2.19
C ALA A 802 -2.55 26.45 -3.03
N ILE A 803 -2.08 25.47 -3.81
CA ILE A 803 -1.02 25.74 -4.77
C ILE A 803 -1.54 25.67 -6.23
N ASN A 804 -1.18 26.69 -7.01
CA ASN A 804 -1.51 26.76 -8.42
C ASN A 804 -3.02 26.65 -8.64
N LYS A 805 -3.76 27.31 -7.75
CA LYS A 805 -5.21 27.48 -7.78
C LYS A 805 -5.78 27.90 -9.13
N CYS A 806 -5.04 28.72 -9.88
CA CYS A 806 -5.53 29.23 -11.16
C CYS A 806 -4.54 28.90 -12.29
N PRO A 807 -4.53 27.64 -12.73
CA PRO A 807 -3.54 27.20 -13.70
C PRO A 807 -3.72 27.85 -15.07
N LYS A 808 -2.65 28.35 -15.66
CA LYS A 808 -2.70 28.89 -17.01
C LYS A 808 -2.40 27.83 -18.06
N ASN A 809 -1.44 26.95 -17.78
CA ASN A 809 -1.09 25.84 -18.67
C ASN A 809 -1.99 24.62 -18.51
N ILE A 810 -2.98 24.47 -19.37
CA ILE A 810 -3.79 23.25 -19.37
C ILE A 810 -3.46 22.38 -20.59
N PHE A 811 -3.21 21.09 -20.33
CA PHE A 811 -2.94 20.07 -21.36
C PHE A 811 -2.86 18.73 -20.67
N LYS A 812 -2.79 17.66 -21.45
CA LYS A 812 -2.58 16.33 -20.86
C LYS A 812 -1.09 16.08 -20.65
N ILE A 813 -0.72 15.88 -19.40
CA ILE A 813 0.68 15.72 -19.04
C ILE A 813 1.36 14.54 -19.79
N ASN A 814 0.68 13.38 -19.86
CA ASN A 814 1.26 12.21 -20.55
C ASN A 814 1.46 12.52 -22.06
N THR A 815 0.51 13.17 -22.68
CA THR A 815 0.64 13.47 -24.10
C THR A 815 1.78 14.44 -24.39
N GLU A 816 1.80 15.53 -23.63
CA GLU A 816 2.92 16.48 -23.72
C GLU A 816 4.31 15.84 -23.46
N VAL A 817 4.43 14.94 -22.48
CA VAL A 817 5.72 14.27 -22.34
C VAL A 817 6.08 13.51 -23.63
N ARG A 818 5.13 12.78 -24.20
CA ARG A 818 5.43 12.03 -25.42
C ARG A 818 5.86 12.91 -26.59
N VAL A 819 5.16 14.03 -26.78
CA VAL A 819 5.45 14.93 -27.89
C VAL A 819 6.84 15.52 -27.80
N LEU A 820 7.18 16.01 -26.61
CA LEU A 820 8.51 16.56 -26.38
C LEU A 820 9.61 15.49 -26.56
N LEU A 821 9.36 14.25 -26.12
CA LEU A 821 10.35 13.19 -26.30
C LEU A 821 10.47 12.87 -27.77
N LYS A 822 9.35 12.82 -28.48
CA LYS A 822 9.41 12.61 -29.92
C LYS A 822 10.34 13.63 -30.60
N HIS A 823 10.23 14.91 -30.23
CA HIS A 823 11.02 15.91 -30.94
C HIS A 823 12.34 16.25 -30.23
N ASP A 824 12.72 15.48 -29.22
CA ASP A 824 14.00 15.71 -28.55
C ASP A 824 15.07 14.86 -29.21
N ASP A 825 16.13 15.51 -29.67
CA ASP A 825 17.18 14.82 -30.41
C ASP A 825 18.09 13.96 -29.52
N ASN A 826 18.19 14.30 -28.24
CA ASN A 826 19.07 13.58 -27.32
C ASN A 826 18.51 13.49 -25.90
N PRO A 827 17.35 12.82 -25.72
CA PRO A 827 16.71 12.74 -24.40
C PRO A 827 17.41 11.80 -23.42
N TYR A 828 17.69 12.29 -22.21
CA TYR A 828 18.29 11.50 -21.17
C TYR A 828 17.26 10.73 -20.35
N VAL A 829 17.68 9.61 -19.79
CA VAL A 829 16.80 8.79 -19.00
C VAL A 829 17.51 8.38 -17.72
N ILE A 830 16.88 8.62 -16.58
CA ILE A 830 17.34 8.09 -15.31
C ILE A 830 16.78 6.68 -15.02
N GLY A 831 17.65 5.67 -15.01
CA GLY A 831 17.31 4.33 -14.58
C GLY A 831 17.49 4.10 -13.10
N ILE A 832 16.44 3.65 -12.41
CA ILE A 832 16.55 3.18 -11.02
C ILE A 832 16.25 1.69 -10.86
N ASP A 833 17.09 0.99 -10.12
CA ASP A 833 16.92 -0.42 -9.89
C ASP A 833 17.25 -0.73 -8.44
N ARG A 834 16.59 -1.75 -7.89
CA ARG A 834 16.91 -2.20 -6.53
C ARG A 834 17.89 -3.31 -6.67
N GLY A 835 18.90 -3.35 -5.83
CA GLY A 835 19.96 -4.30 -6.08
C GLY A 835 20.26 -5.24 -4.95
N GLU A 836 21.23 -6.11 -5.18
CA GLU A 836 21.62 -7.09 -4.17
C GLU A 836 22.65 -6.52 -3.21
N ARG A 837 23.63 -5.82 -3.75
CA ARG A 837 24.67 -5.22 -2.92
C ARG A 837 24.38 -3.75 -2.70
N ASN A 838 23.29 -3.27 -3.26
CA ASN A 838 22.99 -1.84 -3.24
C ASN A 838 21.52 -1.63 -3.02
N LEU A 839 21.17 -0.82 -2.04
CA LEU A 839 19.78 -0.53 -1.77
C LEU A 839 19.09 -0.06 -3.06
N LEU A 840 19.63 0.98 -3.68
CA LEU A 840 19.16 1.50 -4.96
C LEU A 840 20.40 1.79 -5.82
N TYR A 841 20.30 1.57 -7.13
CA TYR A 841 21.38 1.97 -8.02
C TYR A 841 20.82 2.74 -9.21
N ILE A 842 21.58 3.74 -9.67
CA ILE A 842 21.14 4.73 -10.67
C ILE A 842 22.04 4.70 -11.90
N VAL A 843 21.44 4.81 -13.07
CA VAL A 843 22.21 4.90 -14.31
C VAL A 843 21.55 5.96 -15.15
N VAL A 844 22.31 6.97 -15.51
CA VAL A 844 21.80 7.98 -16.41
C VAL A 844 22.41 7.68 -17.76
N VAL A 845 21.57 7.82 -18.76
CA VAL A 845 21.90 7.35 -20.07
C VAL A 845 21.47 8.44 -21.06
N ASP A 846 22.19 8.60 -22.17
CA ASP A 846 21.74 9.52 -23.22
C ASP A 846 20.78 8.86 -24.21
N GLY A 847 20.42 9.60 -25.25
CA GLY A 847 19.37 9.23 -26.15
C GLY A 847 19.80 8.06 -27.01
N LYS A 848 20.99 7.54 -26.73
CA LYS A 848 21.58 6.51 -27.55
C LYS A 848 22.16 5.38 -26.72
N GLY A 849 21.95 5.42 -25.41
CA GLY A 849 22.31 4.32 -24.56
C GLY A 849 23.67 4.42 -23.92
N ASN A 850 24.37 5.51 -24.19
CA ASN A 850 25.64 5.74 -23.54
C ASN A 850 25.39 6.10 -22.10
N ILE A 851 26.14 5.48 -21.21
CA ILE A 851 26.00 5.80 -19.82
C ILE A 851 26.71 7.11 -19.55
N VAL A 852 26.01 8.02 -18.90
CA VAL A 852 26.52 9.32 -18.58
C VAL A 852 26.93 9.37 -17.10
N GLU A 853 26.15 8.71 -16.26
CA GLU A 853 26.42 8.61 -14.85
C GLU A 853 25.95 7.27 -14.30
N GLN A 854 26.79 6.59 -13.53
CA GLN A 854 26.37 5.41 -12.79
C GLN A 854 26.95 5.43 -11.37
N TYR A 855 26.09 5.17 -10.39
CA TYR A 855 26.56 4.98 -9.00
C TYR A 855 25.49 4.38 -8.06
N SER A 856 25.95 3.78 -6.98
CA SER A 856 25.10 3.30 -5.90
C SER A 856 24.51 4.43 -5.11
N LEU A 857 23.29 4.26 -4.64
CA LEU A 857 22.75 5.18 -3.64
C LEU A 857 22.81 4.62 -2.19
N ASN A 858 23.73 3.70 -1.91
CA ASN A 858 23.95 3.26 -0.53
C ASN A 858 24.30 4.45 0.32
N GLU A 859 25.07 5.37 -0.23
CA GLU A 859 25.43 6.49 0.60
C GLU A 859 24.71 7.77 0.19
N ILE A 860 24.16 8.45 1.19
CA ILE A 860 23.48 9.72 0.95
C ILE A 860 24.48 10.74 1.47
N ILE A 861 24.83 11.69 0.62
CA ILE A 861 25.76 12.73 0.95
C ILE A 861 24.98 14.00 1.18
N ASN A 862 25.15 14.54 2.39
CA ASN A 862 24.59 15.84 2.71
C ASN A 862 25.60 17.03 2.61
N ASN A 863 25.03 18.19 2.26
CA ASN A 863 25.71 19.44 2.02
C ASN A 863 25.25 20.40 3.08
N PHE A 864 26.20 21.04 3.76
CA PHE A 864 25.92 22.16 4.64
C PHE A 864 27.19 22.97 4.63
N ASN A 865 27.05 24.26 4.29
CA ASN A 865 28.18 25.05 3.81
C ASN A 865 28.84 24.30 2.67
N GLY A 866 30.17 24.35 2.60
CA GLY A 866 30.85 23.54 1.60
C GLY A 866 31.44 22.36 2.31
N ILE A 867 30.71 21.91 3.33
CA ILE A 867 31.10 20.72 4.06
C ILE A 867 30.17 19.56 3.62
N ARG A 868 30.78 18.41 3.34
CA ARG A 868 30.05 17.24 2.90
C ARG A 868 30.24 16.12 3.90
N ILE A 869 29.14 15.52 4.35
CA ILE A 869 29.22 14.35 5.22
C ILE A 869 28.25 13.29 4.72
N LYS A 870 28.74 12.07 4.63
CA LYS A 870 27.88 11.06 4.05
C LYS A 870 27.38 10.14 5.11
N THR A 871 26.30 9.45 4.81
CA THR A 871 25.76 8.44 5.65
C THR A 871 25.55 7.26 4.74
N ASP A 872 26.10 6.12 5.15
CA ASP A 872 26.02 4.87 4.40
C ASP A 872 24.82 4.08 4.98
N TYR A 873 23.69 4.16 4.30
CA TYR A 873 22.44 3.62 4.83
C TYR A 873 22.44 2.11 4.71
N HIS A 874 23.35 1.61 3.89
CA HIS A 874 23.45 0.20 3.69
C HIS A 874 24.16 -0.41 4.91
N SER A 875 25.17 0.29 5.45
CA SER A 875 25.81 -0.11 6.72
C SER A 875 24.87 0.02 7.90
N LEU A 876 24.12 1.12 8.00
CA LEU A 876 23.01 1.22 8.96
C LEU A 876 22.10 -0.02 8.96
N LEU A 877 21.58 -0.36 7.79
CA LEU A 877 20.70 -1.51 7.67
C LEU A 877 21.43 -2.77 8.09
N ASP A 878 22.72 -2.80 7.84
CA ASP A 878 23.48 -3.98 8.20
C ASP A 878 23.66 -4.12 9.70
N LYS A 879 23.97 -3.02 10.38
CA LYS A 879 24.02 -3.05 11.83
C LYS A 879 22.65 -3.36 12.44
N LYS A 880 21.57 -2.84 11.85
CA LYS A 880 20.22 -3.17 12.36
C LYS A 880 19.77 -4.63 12.12
N GLU A 881 20.35 -5.26 11.10
CA GLU A 881 19.99 -6.64 10.78
C GLU A 881 20.72 -7.56 11.72
N LYS A 882 21.89 -7.12 12.16
CA LYS A 882 22.64 -7.84 13.15
C LYS A 882 21.89 -7.68 14.47
N GLU A 883 21.41 -6.46 14.72
CA GLU A 883 20.58 -6.22 15.91
C GLU A 883 19.37 -7.15 15.93
N ARG A 884 18.68 -7.26 14.79
CA ARG A 884 17.53 -8.15 14.68
C ARG A 884 17.93 -9.60 14.94
N PHE A 885 19.14 -9.97 14.57
CA PHE A 885 19.61 -11.31 14.88
C PHE A 885 19.84 -11.49 16.39
N GLU A 886 20.49 -10.51 17.02
CA GLU A 886 20.83 -10.59 18.43
C GLU A 886 19.57 -10.62 19.30
N ALA A 887 18.50 -10.02 18.77
CA ALA A 887 17.25 -9.85 19.49
C ALA A 887 16.25 -10.92 19.09
N ARG A 888 16.74 -11.93 18.37
CA ARG A 888 15.94 -13.10 17.94
C ARG A 888 14.71 -12.71 17.10
N GLN A 889 14.91 -11.71 16.23
CA GLN A 889 13.88 -11.16 15.36
C GLN A 889 12.66 -10.61 16.10
N ASN A 890 12.86 -9.95 17.25
CA ASN A 890 11.74 -9.38 17.98
C ASN A 890 10.99 -8.30 17.17
N TRP A 891 9.82 -7.89 17.65
CA TRP A 891 8.98 -7.01 16.86
C TRP A 891 9.63 -5.67 16.67
N THR A 892 10.23 -5.14 17.73
CA THR A 892 10.65 -3.76 17.69
C THR A 892 11.78 -3.52 16.70
N SER A 893 12.73 -4.47 16.61
CA SER A 893 13.78 -4.34 15.60
C SER A 893 13.16 -4.35 14.21
N ILE A 894 12.17 -5.20 14.03
CA ILE A 894 11.50 -5.27 12.75
C ILE A 894 10.90 -3.92 12.37
N GLU A 895 10.31 -3.24 13.35
CA GLU A 895 9.77 -1.92 13.11
C GLU A 895 10.90 -0.91 12.88
N ASN A 896 12.00 -1.05 13.59
CA ASN A 896 13.11 -0.12 13.43
C ASN A 896 13.65 -0.21 11.99
N ILE A 897 13.81 -1.42 11.47
CA ILE A 897 14.24 -1.62 10.10
C ILE A 897 13.26 -1.02 9.07
N LYS A 898 11.95 -1.19 9.29
CA LYS A 898 10.95 -0.65 8.37
C LYS A 898 11.04 0.87 8.32
N GLU A 899 11.26 1.49 9.48
CA GLU A 899 11.25 2.94 9.55
C GLU A 899 12.53 3.57 8.99
N LEU A 900 13.67 2.99 9.36
CA LEU A 900 14.93 3.32 8.71
C LEU A 900 14.76 3.39 7.18
N LYS A 901 14.21 2.32 6.59
CA LYS A 901 14.01 2.26 5.14
C LYS A 901 13.09 3.37 4.65
N ALA A 902 12.06 3.69 5.44
CA ALA A 902 11.15 4.73 5.02
C ALA A 902 11.82 6.10 5.13
N GLY A 903 12.81 6.21 6.02
CA GLY A 903 13.58 7.43 6.11
C GLY A 903 14.48 7.58 4.90
N TYR A 904 15.22 6.54 4.64
CA TYR A 904 16.12 6.45 3.52
C TYR A 904 15.46 6.91 2.23
N ILE A 905 14.22 6.49 2.01
CA ILE A 905 13.56 6.83 0.76
C ILE A 905 13.17 8.29 0.71
N SER A 906 13.04 8.96 1.85
CA SER A 906 12.78 10.39 1.80
C SER A 906 14.06 11.07 1.37
N GLN A 907 15.22 10.45 1.60
CA GLN A 907 16.47 11.07 1.16
C GLN A 907 16.60 10.88 -0.35
N VAL A 908 16.23 9.69 -0.83
CA VAL A 908 16.43 9.35 -2.21
C VAL A 908 15.59 10.22 -3.13
N VAL A 909 14.35 10.49 -2.73
CA VAL A 909 13.48 11.36 -3.50
C VAL A 909 14.19 12.66 -3.90
N HIS A 910 14.92 13.25 -2.96
CA HIS A 910 15.70 14.42 -3.28
C HIS A 910 16.80 14.19 -4.30
N LYS A 911 17.58 13.12 -4.16
CA LYS A 911 18.59 12.75 -5.17
C LYS A 911 18.00 12.59 -6.59
N ILE A 912 16.81 12.04 -6.68
CA ILE A 912 16.21 11.83 -8.00
C ILE A 912 15.79 13.18 -8.59
N CYS A 913 15.15 14.01 -7.78
CA CYS A 913 14.79 15.36 -8.24
C CYS A 913 15.98 16.15 -8.81
N GLU A 914 17.15 16.06 -8.18
CA GLU A 914 18.30 16.82 -8.68
C GLU A 914 18.70 16.30 -10.05
N LEU A 915 18.68 14.98 -10.19
CA LEU A 915 19.07 14.35 -11.44
C LEU A 915 18.09 14.70 -12.54
N VAL A 916 16.79 14.69 -12.23
CA VAL A 916 15.81 15.11 -13.22
C VAL A 916 16.09 16.52 -13.69
N GLU A 917 16.31 17.44 -12.73
CA GLU A 917 16.57 18.86 -13.03
C GLU A 917 17.86 19.03 -13.82
N LYS A 918 18.92 18.38 -13.35
CA LYS A 918 20.20 18.37 -14.02
C LYS A 918 20.17 17.87 -15.48
N TYR A 919 19.51 16.76 -15.76
CA TYR A 919 19.56 16.22 -17.13
C TYR A 919 18.29 16.42 -17.92
N ASP A 920 17.32 17.14 -17.36
CA ASP A 920 16.02 17.31 -17.98
C ASP A 920 15.51 15.91 -18.30
N ALA A 921 15.74 14.96 -17.39
CA ALA A 921 15.51 13.57 -17.74
C ALA A 921 14.22 12.97 -17.23
N VAL A 922 13.78 12.02 -18.03
CA VAL A 922 12.61 11.18 -17.81
C VAL A 922 13.06 10.03 -16.88
N ILE A 923 12.17 9.50 -16.05
CA ILE A 923 12.55 8.48 -15.08
C ILE A 923 12.08 7.06 -15.47
N ALA A 924 12.95 6.06 -15.39
CA ALA A 924 12.57 4.67 -15.70
C ALA A 924 12.58 3.80 -14.43
N LEU A 925 11.41 3.23 -14.10
CA LEU A 925 11.18 2.51 -12.85
C LEU A 925 10.57 1.13 -13.08
N GLU A 926 10.82 0.20 -12.17
CA GLU A 926 10.18 -1.11 -12.29
C GLU A 926 8.67 -1.04 -12.10
N ASP A 927 7.97 -1.69 -13.00
CA ASP A 927 6.56 -2.01 -12.80
C ASP A 927 6.45 -3.15 -11.78
N LEU A 928 5.80 -2.89 -10.66
CA LEU A 928 5.79 -3.83 -9.52
C LEU A 928 4.52 -4.65 -9.53
N ASN A 929 3.64 -4.37 -10.49
CA ASN A 929 2.41 -5.15 -10.69
C ASN A 929 2.66 -6.35 -11.57
N SER A 930 3.82 -6.37 -12.25
CA SER A 930 4.27 -7.52 -13.01
C SER A 930 5.21 -8.25 -12.09
N GLY A 931 4.97 -8.07 -10.81
CA GLY A 931 5.89 -8.39 -9.74
C GLY A 931 6.64 -9.70 -9.81
N PHE A 932 7.95 -9.60 -9.98
CA PHE A 932 8.83 -10.65 -9.52
C PHE A 932 9.56 -10.00 -8.38
N LYS A 933 10.41 -10.77 -7.70
CA LYS A 933 11.28 -10.24 -6.65
C LYS A 933 12.09 -11.36 -6.06
N ASN A 934 13.23 -11.01 -5.46
CA ASN A 934 14.11 -12.08 -5.05
C ASN A 934 14.99 -11.88 -3.83
N SER A 935 14.39 -11.98 -2.64
CA SER A 935 15.12 -12.37 -1.41
C SER A 935 16.48 -11.69 -1.17
N ARG A 936 17.28 -11.59 -2.22
CA ARG A 936 18.55 -10.90 -2.16
C ARG A 936 18.37 -9.38 -2.17
N VAL A 937 17.41 -8.84 -2.93
CA VAL A 937 17.22 -7.39 -2.90
C VAL A 937 16.67 -6.92 -1.54
N LYS A 938 17.27 -5.89 -1.00
CA LYS A 938 17.10 -5.46 0.38
C LYS A 938 15.92 -4.53 0.55
N VAL A 939 15.56 -3.82 -0.51
CA VAL A 939 14.36 -3.02 -0.43
C VAL A 939 13.21 -3.87 -0.97
N GLU A 940 12.37 -4.35 -0.08
CA GLU A 940 11.27 -5.22 -0.48
C GLU A 940 10.16 -4.42 -1.19
N LYS A 941 9.30 -5.13 -1.90
CA LYS A 941 8.21 -4.58 -2.70
C LYS A 941 7.38 -3.52 -2.00
N GLN A 942 7.09 -3.76 -0.73
CA GLN A 942 6.18 -2.90 0.00
C GLN A 942 6.82 -1.55 0.32
N VAL A 943 8.14 -1.55 0.48
CA VAL A 943 8.87 -0.29 0.67
C VAL A 943 9.06 0.42 -0.67
N TYR A 944 9.38 -0.34 -1.70
CA TYR A 944 9.53 0.24 -3.02
C TYR A 944 8.25 0.90 -3.52
N GLN A 945 7.11 0.32 -3.19
CA GLN A 945 5.83 0.85 -3.65
C GLN A 945 5.59 2.17 -3.00
N LYS A 946 5.88 2.22 -1.70
CA LYS A 946 5.86 3.47 -0.97
C LYS A 946 6.76 4.52 -1.66
N PHE A 947 7.93 4.08 -2.10
CA PHE A 947 8.92 4.96 -2.73
C PHE A 947 8.35 5.56 -4.00
N GLU A 948 7.78 4.70 -4.81
CA GLU A 948 7.18 5.12 -6.07
C GLU A 948 6.00 6.04 -5.88
N LYS A 949 5.20 5.82 -4.84
CA LYS A 949 4.13 6.76 -4.54
C LYS A 949 4.71 8.14 -4.18
N LEU A 951 7.69 9.52 -4.91
CA LEU A 951 8.26 10.07 -6.11
C LEU A 951 7.15 10.81 -6.87
N ILE A 952 6.03 10.12 -7.12
CA ILE A 952 4.86 10.74 -7.77
C ILE A 952 4.38 11.96 -7.01
N ASP A 953 4.09 11.80 -5.72
CA ASP A 953 3.68 12.92 -4.88
C ASP A 953 4.60 14.13 -5.02
N LYS A 954 5.91 13.94 -4.93
CA LYS A 954 6.83 15.06 -5.10
C LYS A 954 6.78 15.65 -6.52
N LEU A 955 6.65 14.81 -7.54
CA LEU A 955 6.62 15.38 -8.89
C LEU A 955 5.31 16.10 -9.24
N ASN A 956 4.32 16.06 -8.36
CA ASN A 956 3.15 16.89 -8.60
C ASN A 956 3.57 18.35 -8.47
N TYR A 957 4.49 18.63 -7.54
CA TYR A 957 5.01 19.98 -7.39
C TYR A 957 6.48 19.93 -6.95
N VAL A 959 10.15 20.94 -6.26
CA VAL A 959 10.76 22.18 -5.92
C VAL A 959 12.19 21.93 -5.43
N ASP A 960 13.13 22.77 -5.85
CA ASP A 960 14.46 22.75 -5.27
C ASP A 960 14.52 23.91 -4.27
N LYS A 961 14.69 23.57 -2.99
CA LYS A 961 14.69 24.54 -1.90
C LYS A 961 15.75 25.63 -2.05
N LYS A 962 16.87 25.33 -2.69
CA LYS A 962 17.97 26.28 -2.77
C LYS A 962 17.88 27.17 -4.00
N SER A 963 16.81 27.00 -4.78
CA SER A 963 16.61 27.94 -5.88
C SER A 963 15.91 29.18 -5.38
N ASN A 964 16.08 30.29 -6.09
CA ASN A 964 15.29 31.46 -5.76
C ASN A 964 13.85 31.19 -6.13
N PRO A 965 12.95 31.38 -5.17
CA PRO A 965 11.56 30.90 -5.24
C PRO A 965 10.80 31.26 -6.53
N CYS A 966 11.06 32.42 -7.13
CA CYS A 966 10.32 32.85 -8.30
C CYS A 966 10.89 32.21 -9.55
N ALA A 967 12.09 31.65 -9.46
CA ALA A 967 12.72 30.97 -10.59
C ALA A 967 11.95 29.70 -10.93
N THR A 968 11.94 29.29 -12.20
CA THR A 968 11.24 28.04 -12.54
C THR A 968 11.90 26.85 -11.82
N GLY A 969 11.13 26.13 -11.02
CA GLY A 969 11.65 25.01 -10.25
C GLY A 969 11.90 25.41 -8.82
N GLY A 970 11.79 26.72 -8.56
CA GLY A 970 11.82 27.26 -7.21
C GLY A 970 10.44 27.11 -6.60
N ALA A 971 10.26 27.60 -5.36
CA ALA A 971 9.05 27.30 -4.59
C ALA A 971 7.74 27.93 -5.13
N LEU A 972 7.86 28.91 -6.02
CA LEU A 972 6.68 29.55 -6.59
C LEU A 972 6.44 29.08 -8.02
N LYS A 973 7.33 28.26 -8.53
CA LYS A 973 7.20 27.76 -9.89
C LYS A 973 7.66 26.31 -9.92
N GLY A 974 6.99 25.45 -9.17
CA GLY A 974 7.44 24.07 -9.10
C GLY A 974 7.07 23.31 -10.38
N TYR A 975 7.87 22.31 -10.73
CA TYR A 975 7.58 21.47 -11.87
C TYR A 975 6.45 20.55 -11.55
N GLN A 976 5.54 20.41 -12.49
CA GLN A 976 4.46 19.45 -12.32
C GLN A 976 4.54 18.40 -13.43
N ILE A 977 5.36 17.38 -13.21
CA ILE A 977 5.72 16.46 -14.27
C ILE A 977 5.10 15.08 -14.05
N THR A 978 4.03 15.09 -13.26
CA THR A 978 3.41 13.88 -12.80
C THR A 978 1.94 14.20 -12.42
N ASN A 979 1.03 13.30 -12.77
CA ASN A 979 -0.36 13.38 -12.32
C ASN A 979 -0.49 12.89 -10.89
N LYS A 980 -1.61 13.20 -10.25
CA LYS A 980 -1.88 12.74 -8.88
C LYS A 980 -1.96 11.21 -8.76
N PHE A 981 -1.34 10.72 -7.70
CA PHE A 981 -1.45 9.31 -7.33
C PHE A 981 -2.91 8.81 -7.31
N GLU A 982 -3.11 7.57 -7.72
CA GLU A 982 -4.42 6.92 -7.71
C GLU A 982 -4.41 5.65 -6.85
N SER A 983 -3.53 4.73 -7.20
CA SER A 983 -3.36 3.48 -6.46
C SER A 983 -2.07 2.84 -6.94
N PHE A 984 -1.65 1.76 -6.28
CA PHE A 984 -0.47 1.02 -6.70
C PHE A 984 -0.69 0.32 -8.04
N LYS A 985 -1.92 -0.17 -8.25
CA LYS A 985 -2.26 -0.84 -9.50
C LYS A 985 -2.12 0.17 -10.63
N SER A 986 -2.27 1.45 -10.32
CA SER A 986 -2.20 2.48 -11.34
C SER A 986 -0.78 2.93 -11.62
N SER A 988 1.64 1.93 -13.38
CA SER A 988 2.12 1.15 -14.50
C SER A 988 1.93 1.95 -15.77
N THR A 989 2.58 1.50 -16.85
CA THR A 989 2.66 2.24 -18.12
C THR A 989 3.43 3.57 -17.98
N GLN A 990 2.73 4.65 -17.67
CA GLN A 990 3.35 5.98 -17.72
C GLN A 990 2.58 6.96 -16.88
N ASN A 991 3.29 7.69 -16.02
CA ASN A 991 2.73 8.85 -15.35
C ASN A 991 3.66 10.08 -15.58
N GLY A 992 3.34 10.86 -16.60
CA GLY A 992 4.17 12.01 -16.95
C GLY A 992 5.63 11.66 -17.24
N PHE A 993 6.57 12.11 -16.39
CA PHE A 993 8.00 11.88 -16.62
C PHE A 993 8.39 10.50 -16.13
N ILE A 994 7.46 9.81 -15.48
CA ILE A 994 7.75 8.47 -14.97
C ILE A 994 7.25 7.31 -15.89
N PHE A 995 8.14 6.40 -16.27
CA PHE A 995 7.75 5.23 -17.09
C PHE A 995 7.99 3.97 -16.30
N TYR A 996 7.02 3.05 -16.32
CA TYR A 996 7.09 1.81 -15.55
C TYR A 996 7.45 0.64 -16.44
N ILE A 997 8.57 0.03 -16.12
CA ILE A 997 9.18 -0.94 -17.00
C ILE A 997 9.20 -2.31 -16.31
N PRO A 998 8.97 -3.39 -17.06
CA PRO A 998 9.24 -4.69 -16.43
C PRO A 998 10.74 -5.01 -16.36
N ALA A 999 11.19 -5.55 -15.24
CA ALA A 999 12.59 -5.92 -15.01
C ALA A 999 13.06 -7.17 -15.75
N TRP A 1000 12.15 -7.92 -16.35
CA TRP A 1000 12.54 -9.10 -17.13
C TRP A 1000 13.77 -8.84 -17.99
N LEU A 1001 14.83 -9.60 -17.75
CA LEU A 1001 15.95 -9.67 -18.64
C LEU A 1001 16.77 -8.35 -18.72
N THR A 1002 16.81 -7.62 -17.61
CA THR A 1002 17.57 -6.39 -17.48
C THR A 1002 18.89 -6.52 -16.71
N SER A 1003 19.03 -7.58 -15.92
CA SER A 1003 20.27 -7.84 -15.15
C SER A 1003 21.21 -8.89 -15.74
N LYS A 1004 20.67 -10.08 -16.00
CA LYS A 1004 21.44 -11.16 -16.62
C LYS A 1004 21.39 -11.04 -18.12
N ILE A 1005 22.10 -10.07 -18.66
CA ILE A 1005 22.16 -9.88 -20.10
C ILE A 1005 23.42 -9.08 -20.37
N ASP A 1006 24.15 -9.51 -21.38
CA ASP A 1006 25.39 -8.89 -21.76
C ASP A 1006 25.07 -7.53 -22.33
N PRO A 1007 25.42 -6.46 -21.60
CA PRO A 1007 25.05 -5.12 -22.08
C PRO A 1007 25.80 -4.74 -23.35
N SER A 1008 26.87 -5.46 -23.68
CA SER A 1008 27.59 -5.13 -24.92
C SER A 1008 27.18 -5.94 -26.15
N THR A 1009 26.32 -6.95 -26.00
CA THR A 1009 25.82 -7.70 -27.16
C THR A 1009 24.33 -8.01 -27.06
N GLY A 1010 23.76 -7.88 -25.87
CA GLY A 1010 22.38 -8.26 -25.65
C GLY A 1010 22.21 -9.77 -25.58
N PHE A 1011 23.32 -10.49 -25.43
CA PHE A 1011 23.23 -11.91 -25.18
C PHE A 1011 22.59 -12.20 -23.84
N VAL A 1012 21.58 -13.04 -23.89
CA VAL A 1012 20.98 -13.60 -22.71
C VAL A 1012 21.00 -15.13 -22.86
N ASN A 1013 21.25 -15.83 -21.76
CA ASN A 1013 21.22 -17.29 -21.73
C ASN A 1013 19.81 -17.85 -21.76
N LEU A 1014 19.41 -18.44 -22.88
CA LEU A 1014 18.06 -19.01 -22.96
C LEU A 1014 18.03 -20.56 -22.91
N LEU A 1015 19.17 -21.20 -22.67
CA LEU A 1015 19.21 -22.66 -22.63
C LEU A 1015 18.97 -23.17 -21.23
N LYS A 1016 18.65 -24.45 -21.14
CA LYS A 1016 18.46 -25.13 -19.87
C LYS A 1016 19.57 -26.15 -19.72
N THR A 1017 20.40 -26.00 -18.69
CA THR A 1017 21.65 -26.74 -18.64
C THR A 1017 21.74 -27.71 -17.48
N LYS A 1018 20.65 -27.85 -16.75
CA LYS A 1018 20.58 -28.81 -15.67
C LYS A 1018 20.61 -30.22 -16.26
N TYR A 1019 21.39 -31.13 -15.67
CA TYR A 1019 21.42 -32.54 -16.11
C TYR A 1019 20.05 -33.16 -15.89
N THR A 1020 19.53 -33.81 -16.92
CA THR A 1020 18.30 -34.56 -16.73
C THR A 1020 18.48 -36.07 -16.99
N SER A 1021 18.97 -36.40 -18.18
CA SER A 1021 19.21 -37.77 -18.56
C SER A 1021 20.36 -37.77 -19.55
N ILE A 1022 20.81 -38.96 -19.92
CA ILE A 1022 21.97 -39.04 -20.79
C ILE A 1022 21.54 -38.89 -22.27
N ALA A 1023 20.33 -39.36 -22.57
CA ALA A 1023 19.73 -39.06 -23.86
C ALA A 1023 19.57 -37.53 -24.02
N ASP A 1024 18.96 -36.88 -23.04
CA ASP A 1024 18.81 -35.41 -23.12
C ASP A 1024 20.15 -34.68 -23.31
N SER A 1025 21.19 -35.18 -22.67
CA SER A 1025 22.50 -34.55 -22.74
C SER A 1025 23.08 -34.69 -24.14
N LYS A 1026 22.96 -35.89 -24.70
CA LYS A 1026 23.41 -36.13 -26.07
C LYS A 1026 22.66 -35.19 -27.01
N LYS A 1027 21.34 -35.16 -26.88
CA LYS A 1027 20.52 -34.31 -27.74
C LYS A 1027 21.02 -32.87 -27.64
N PHE A 1028 21.20 -32.40 -26.40
CA PHE A 1028 21.74 -31.07 -26.13
C PHE A 1028 23.02 -30.83 -26.92
N ILE A 1029 24.05 -31.59 -26.58
CA ILE A 1029 25.33 -31.55 -27.29
C ILE A 1029 25.15 -31.54 -28.80
N SER A 1030 24.28 -32.40 -29.31
CA SER A 1030 24.04 -32.56 -30.75
C SER A 1030 23.30 -31.37 -31.36
N SER A 1031 22.47 -30.72 -30.57
CA SER A 1031 21.75 -29.56 -31.06
C SER A 1031 22.67 -28.39 -31.34
N PHE A 1032 23.92 -28.50 -30.91
CA PHE A 1032 24.93 -27.51 -31.22
C PHE A 1032 25.41 -27.65 -32.64
N ASP A 1033 25.70 -26.50 -33.26
CA ASP A 1033 26.25 -26.48 -34.60
C ASP A 1033 27.64 -27.10 -34.59
N ARG A 1034 28.44 -26.69 -33.61
CA ARG A 1034 29.85 -27.04 -33.57
C ARG A 1034 30.36 -27.06 -32.14
N ILE A 1035 31.38 -27.87 -31.88
CA ILE A 1035 32.17 -27.71 -30.64
C ILE A 1035 33.63 -28.00 -30.98
N TYR A 1037 37.90 -26.87 -30.15
CA TYR A 1037 38.94 -26.18 -29.39
C TYR A 1037 39.74 -25.30 -30.33
N VAL A 1038 39.88 -24.01 -30.00
CA VAL A 1038 40.67 -23.16 -30.88
C VAL A 1038 42.07 -22.99 -30.32
N PRO A 1039 43.06 -23.38 -31.12
CA PRO A 1039 44.47 -23.41 -30.72
C PRO A 1039 45.07 -22.01 -30.62
N GLU A 1040 44.76 -21.16 -31.60
CA GLU A 1040 45.27 -19.81 -31.66
C GLU A 1040 44.93 -19.04 -30.39
N GLU A 1041 43.63 -18.96 -30.10
CA GLU A 1041 43.15 -18.19 -28.95
C GLU A 1041 43.03 -19.04 -27.69
N ASP A 1042 43.55 -20.26 -27.73
CA ASP A 1042 43.45 -21.20 -26.61
C ASP A 1042 42.06 -21.24 -25.98
N LEU A 1043 41.05 -21.51 -26.78
CA LEU A 1043 39.68 -21.50 -26.28
C LEU A 1043 38.79 -22.56 -26.89
N PHE A 1044 37.78 -22.97 -26.14
CA PHE A 1044 36.75 -23.82 -26.69
C PHE A 1044 35.63 -22.95 -27.25
N GLU A 1045 35.17 -23.28 -28.45
CA GLU A 1045 34.11 -22.52 -29.10
C GLU A 1045 32.86 -23.36 -29.35
N PHE A 1046 31.80 -23.08 -28.58
CA PHE A 1046 30.47 -23.63 -28.82
C PHE A 1046 29.66 -22.66 -29.68
N ALA A 1047 29.36 -23.07 -30.91
CA ALA A 1047 28.59 -22.24 -31.84
C ALA A 1047 27.15 -22.73 -31.92
N LEU A 1048 26.19 -21.87 -31.60
CA LEU A 1048 24.82 -22.33 -31.59
C LEU A 1048 23.82 -21.50 -32.37
N ASP A 1049 22.66 -22.11 -32.58
CA ASP A 1049 21.57 -21.51 -33.30
C ASP A 1049 20.38 -21.76 -32.40
N TYR A 1050 19.97 -20.75 -31.64
CA TYR A 1050 18.85 -20.87 -30.71
C TYR A 1050 17.57 -21.50 -31.32
N LYS A 1051 17.56 -21.70 -32.63
CA LYS A 1051 16.45 -22.33 -33.30
C LYS A 1051 16.33 -23.80 -32.90
N ASN A 1052 17.48 -24.46 -32.76
CA ASN A 1052 17.55 -25.88 -32.41
C ASN A 1052 17.40 -26.17 -30.93
N PHE A 1053 16.77 -25.23 -30.21
CA PHE A 1053 16.53 -25.38 -28.78
C PHE A 1053 15.16 -24.79 -28.48
N SER A 1054 14.50 -25.28 -27.45
CA SER A 1054 13.12 -24.87 -27.24
C SER A 1054 13.00 -23.60 -26.41
N ARG A 1055 11.86 -22.94 -26.58
CA ARG A 1055 11.54 -21.73 -25.85
C ARG A 1055 12.59 -20.64 -26.00
N THR A 1056 13.04 -20.42 -27.23
CA THR A 1056 14.00 -19.36 -27.55
C THR A 1056 13.41 -18.31 -28.48
N ASP A 1057 12.08 -18.31 -28.62
CA ASP A 1057 11.43 -17.42 -29.56
C ASP A 1057 11.83 -15.94 -29.44
N ALA A 1058 12.17 -15.49 -28.23
CA ALA A 1058 12.43 -14.08 -28.03
C ALA A 1058 13.78 -13.61 -28.59
N ASP A 1059 14.72 -14.53 -28.79
CA ASP A 1059 16.06 -14.11 -29.22
C ASP A 1059 15.96 -13.60 -30.64
N TYR A 1060 16.77 -12.60 -30.98
CA TYR A 1060 16.76 -12.00 -32.30
C TYR A 1060 17.91 -12.49 -33.17
N ILE A 1061 19.13 -12.49 -32.63
CA ILE A 1061 20.32 -12.88 -33.41
C ILE A 1061 20.36 -14.38 -33.75
N LYS A 1062 19.69 -15.20 -32.94
CA LYS A 1062 19.70 -16.66 -33.07
C LYS A 1062 21.11 -17.27 -33.04
N LYS A 1063 22.00 -16.84 -33.92
CA LYS A 1063 23.31 -17.48 -34.04
C LYS A 1063 24.38 -16.82 -33.19
N TRP A 1064 24.83 -17.57 -32.18
CA TRP A 1064 25.76 -17.06 -31.17
C TRP A 1064 26.97 -17.97 -31.00
N LYS A 1065 28.17 -17.41 -31.05
CA LYS A 1065 29.36 -18.20 -30.78
C LYS A 1065 29.78 -18.01 -29.31
N LEU A 1066 29.52 -19.03 -28.49
CA LEU A 1066 29.97 -19.03 -27.10
C LEU A 1066 31.44 -19.44 -27.03
N TYR A 1067 32.22 -18.81 -26.16
CA TYR A 1067 33.60 -19.22 -25.92
C TYR A 1067 33.80 -19.44 -24.44
N SER A 1068 35.05 -19.61 -24.02
CA SER A 1068 35.36 -19.94 -22.63
C SER A 1068 35.96 -18.81 -21.78
N TYR A 1069 36.63 -17.85 -22.41
CA TYR A 1069 37.55 -16.99 -21.64
C TYR A 1069 36.95 -16.28 -20.45
N GLY A 1070 37.85 -15.98 -19.51
CA GLY A 1070 37.48 -15.62 -18.16
C GLY A 1070 37.26 -16.90 -17.40
N ASN A 1071 36.95 -16.72 -16.11
CA ASN A 1071 36.57 -17.78 -15.20
C ASN A 1071 35.24 -17.41 -14.56
N ARG A 1072 34.79 -18.18 -13.57
CA ARG A 1072 33.47 -18.00 -12.97
C ARG A 1072 33.46 -18.42 -11.51
N ILE A 1073 32.57 -17.83 -10.73
CA ILE A 1073 32.42 -18.23 -9.34
C ILE A 1073 31.30 -19.22 -9.25
N ARG A 1074 31.54 -20.35 -8.60
CA ARG A 1074 30.56 -21.40 -8.46
C ARG A 1074 30.10 -21.60 -7.03
N ILE A 1075 28.82 -21.85 -6.83
CA ILE A 1075 28.31 -22.18 -5.51
C ILE A 1075 29.09 -23.33 -4.84
N PHE A 1076 29.29 -24.44 -5.57
CA PHE A 1076 30.10 -25.55 -5.07
C PHE A 1076 29.69 -25.90 -3.64
N ALA A 1077 28.38 -26.06 -3.41
CA ALA A 1077 27.80 -26.37 -2.10
C ALA A 1077 28.61 -27.47 -1.42
N ALA A 1078 29.46 -27.06 -0.46
CA ALA A 1078 30.50 -27.95 0.06
C ALA A 1078 30.33 -28.37 1.52
N ALA A 1079 31.39 -28.97 2.04
CA ALA A 1079 31.47 -29.45 3.43
C ALA A 1079 30.91 -28.45 4.43
N ALA A 1086 29.01 -21.91 1.38
CA ALA A 1086 29.06 -22.75 0.20
C ALA A 1086 29.64 -21.97 -0.98
N TRP A 1087 30.96 -21.86 -1.05
CA TRP A 1087 31.63 -21.17 -2.17
C TRP A 1087 32.99 -21.75 -2.54
N GLU A 1088 33.20 -21.94 -3.85
CA GLU A 1088 34.54 -22.10 -4.45
C GLU A 1088 34.59 -21.46 -5.85
N GLU A 1089 35.77 -21.24 -6.42
CA GLU A 1089 35.85 -20.67 -7.77
C GLU A 1089 36.46 -21.65 -8.80
N VAL A 1090 36.20 -21.41 -10.09
CA VAL A 1090 36.52 -22.34 -11.18
C VAL A 1090 36.98 -21.67 -12.50
N CYS A 1091 38.22 -21.92 -12.93
CA CYS A 1091 38.64 -21.49 -14.27
C CYS A 1091 37.98 -22.36 -15.35
N LEU A 1092 37.53 -21.73 -16.44
CA LEU A 1092 36.73 -22.41 -17.46
C LEU A 1092 37.51 -23.31 -18.42
N THR A 1093 38.06 -22.70 -19.47
CA THR A 1093 38.80 -23.42 -20.50
C THR A 1093 39.80 -24.47 -19.96
N SER A 1094 40.15 -24.38 -18.69
CA SER A 1094 40.98 -25.40 -18.03
C SER A 1094 40.12 -26.48 -17.38
N ALA A 1095 38.85 -26.19 -17.15
CA ALA A 1095 37.95 -27.24 -16.65
C ALA A 1095 37.53 -28.17 -17.80
N TYR A 1096 37.51 -27.63 -19.02
CA TYR A 1096 37.22 -28.43 -20.21
C TYR A 1096 38.38 -29.36 -20.53
N LYS A 1097 39.56 -28.77 -20.69
CA LYS A 1097 40.80 -29.53 -20.82
C LYS A 1097 40.90 -30.66 -19.80
N GLU A 1098 40.66 -30.35 -18.53
CA GLU A 1098 40.65 -31.38 -17.49
C GLU A 1098 39.66 -32.50 -17.82
N LEU A 1099 38.37 -32.16 -17.87
CA LEU A 1099 37.30 -33.14 -18.06
C LEU A 1099 37.50 -34.06 -19.25
N PHE A 1100 37.96 -33.49 -20.36
CA PHE A 1100 38.20 -34.23 -21.59
C PHE A 1100 39.34 -35.22 -21.44
N ASN A 1101 40.44 -34.74 -20.85
CA ASN A 1101 41.57 -35.61 -20.52
C ASN A 1101 41.07 -36.76 -19.67
N LYS A 1102 40.34 -36.40 -18.61
CA LYS A 1102 39.77 -37.34 -17.66
C LYS A 1102 39.10 -38.52 -18.38
N TYR A 1103 38.40 -38.26 -19.48
CA TYR A 1103 37.63 -39.32 -20.14
C TYR A 1103 38.22 -39.90 -21.42
N GLY A 1104 39.46 -39.50 -21.72
CA GLY A 1104 40.17 -40.01 -22.87
C GLY A 1104 39.74 -39.36 -24.16
N ILE A 1105 39.17 -38.16 -24.06
CA ILE A 1105 38.75 -37.43 -25.25
C ILE A 1105 39.81 -36.45 -25.69
N ASN A 1106 40.41 -36.69 -26.85
CA ASN A 1106 41.29 -35.68 -27.42
C ASN A 1106 40.49 -34.56 -28.13
N TYR A 1107 40.70 -33.32 -27.70
CA TYR A 1107 39.84 -32.22 -28.11
C TYR A 1107 40.38 -31.33 -29.25
N GLN A 1108 41.57 -31.64 -29.76
CA GLN A 1108 42.11 -30.89 -30.88
C GLN A 1108 41.48 -31.37 -32.18
N GLN A 1109 40.48 -32.24 -32.04
CA GLN A 1109 39.91 -33.01 -33.15
C GLN A 1109 38.61 -32.46 -33.73
N GLY A 1110 38.12 -31.34 -33.19
CA GLY A 1110 36.83 -30.74 -33.52
C GLY A 1110 36.47 -30.71 -35.00
N ASP A 1111 35.19 -30.78 -35.35
CA ASP A 1111 34.04 -30.86 -34.45
C ASP A 1111 33.99 -32.11 -33.55
N ILE A 1112 33.93 -31.91 -32.24
CA ILE A 1112 33.95 -33.05 -31.31
C ILE A 1112 32.57 -33.48 -30.79
N ARG A 1113 31.51 -32.84 -31.28
CA ARG A 1113 30.15 -33.23 -30.91
C ARG A 1113 29.85 -34.75 -30.99
N ALA A 1114 30.02 -35.32 -32.18
CA ALA A 1114 29.90 -36.75 -32.36
C ALA A 1114 30.72 -37.52 -31.32
N LEU A 1115 32.01 -37.18 -31.22
CA LEU A 1115 32.89 -37.77 -30.22
C LEU A 1115 32.27 -37.78 -28.82
N LEU A 1116 31.91 -36.61 -28.32
CA LEU A 1116 31.44 -36.43 -26.95
C LEU A 1116 30.26 -37.34 -26.63
N CYS A 1117 29.42 -37.60 -27.62
CA CYS A 1117 28.24 -38.42 -27.39
C CYS A 1117 28.57 -39.91 -27.25
N GLU A 1118 29.82 -40.28 -27.54
CA GLU A 1118 30.24 -41.67 -27.41
C GLU A 1118 30.40 -42.15 -25.96
N GLN A 1119 30.49 -41.20 -25.03
CA GLN A 1119 30.62 -41.50 -23.60
C GLN A 1119 29.49 -42.33 -23.01
N SER A 1120 29.84 -43.23 -22.09
CA SER A 1120 28.89 -44.26 -21.67
C SER A 1120 28.24 -44.07 -20.29
N ASP A 1121 28.74 -43.13 -19.49
CA ASP A 1121 28.24 -42.96 -18.13
C ASP A 1121 27.85 -41.53 -17.78
N LYS A 1122 26.91 -41.41 -16.83
CA LYS A 1122 26.35 -40.14 -16.38
C LYS A 1122 27.45 -39.16 -16.04
N ALA A 1123 28.45 -39.65 -15.31
CA ALA A 1123 29.54 -38.82 -14.81
C ALA A 1123 30.14 -37.88 -15.84
N PHE A 1124 30.38 -38.33 -17.06
CA PHE A 1124 30.87 -37.40 -18.08
C PHE A 1124 29.84 -36.33 -18.32
N TYR A 1125 28.60 -36.78 -18.57
CA TYR A 1125 27.53 -35.89 -18.98
C TYR A 1125 27.08 -34.96 -17.86
N SER A 1126 26.93 -35.52 -16.66
CA SER A 1126 26.51 -34.73 -15.51
C SER A 1126 27.47 -33.58 -15.29
N SER A 1127 28.76 -33.84 -15.48
CA SER A 1127 29.74 -32.79 -15.25
C SER A 1127 29.99 -31.89 -16.47
N PHE A 1128 29.72 -32.38 -17.67
CA PHE A 1128 29.77 -31.53 -18.87
C PHE A 1128 28.69 -30.44 -18.84
N ALA A 1130 27.03 -29.27 -16.06
CA ALA A 1130 27.32 -28.37 -14.93
C ALA A 1130 28.39 -27.38 -15.35
N LEU A 1131 29.37 -27.86 -16.10
CA LEU A 1131 30.38 -27.00 -16.67
C LEU A 1131 29.76 -25.98 -17.62
N SER A 1133 26.70 -24.83 -17.75
CA SER A 1133 25.85 -23.90 -17.07
C SER A 1133 26.67 -22.71 -16.57
N LEU A 1134 27.85 -23.02 -16.04
CA LEU A 1134 28.75 -22.00 -15.51
C LEU A 1134 29.23 -21.06 -16.58
N LEU A 1136 27.51 -20.07 -19.00
CA LEU A 1136 26.40 -19.20 -19.34
C LEU A 1136 25.96 -18.35 -18.14
N GLN A 1137 26.45 -18.71 -16.95
CA GLN A 1137 26.27 -17.94 -15.73
C GLN A 1137 27.10 -16.65 -15.77
N ARG A 1139 26.49 -13.79 -14.15
CA ARG A 1139 26.61 -13.08 -12.89
C ARG A 1139 27.34 -13.94 -11.88
N ASN A 1140 28.37 -13.36 -11.26
CA ASN A 1140 29.23 -14.10 -10.34
C ASN A 1140 29.49 -13.38 -9.02
N SER A 1141 29.09 -14.00 -7.92
CA SER A 1141 29.17 -13.33 -6.62
C SER A 1141 29.50 -14.22 -5.42
N ILE A 1142 30.42 -13.71 -4.59
CA ILE A 1142 31.00 -14.44 -3.46
C ILE A 1142 30.16 -14.30 -2.18
N THR A 1143 29.43 -13.19 -2.09
CA THR A 1143 28.50 -12.89 -0.99
C THR A 1143 29.16 -12.35 0.28
N GLY A 1144 30.38 -12.80 0.57
CA GLY A 1144 31.10 -12.27 1.71
C GLY A 1144 31.77 -10.96 1.39
N ARG A 1145 32.32 -10.89 0.18
CA ARG A 1145 33.13 -9.75 -0.24
C ARG A 1145 32.35 -8.75 -1.09
N THR A 1146 32.31 -7.51 -0.61
CA THR A 1146 31.61 -6.44 -1.29
C THR A 1146 32.27 -6.11 -2.64
N ASP A 1147 33.56 -6.44 -2.76
CA ASP A 1147 34.35 -6.14 -3.95
C ASP A 1147 33.64 -6.45 -5.25
N VAL A 1148 33.55 -7.74 -5.58
CA VAL A 1148 32.96 -8.07 -6.86
C VAL A 1148 31.72 -8.96 -6.90
N ASP A 1149 30.72 -8.40 -7.59
CA ASP A 1149 29.51 -9.04 -8.03
C ASP A 1149 29.56 -8.68 -9.53
N PHE A 1150 30.37 -9.43 -10.26
CA PHE A 1150 30.70 -9.07 -11.64
C PHE A 1150 29.88 -9.80 -12.69
N LEU A 1151 30.05 -9.36 -13.93
CA LEU A 1151 29.29 -9.79 -15.07
C LEU A 1151 30.32 -10.10 -16.16
N ILE A 1152 30.36 -11.34 -16.60
CA ILE A 1152 31.23 -11.69 -17.72
C ILE A 1152 30.44 -12.51 -18.75
N SER A 1153 30.69 -12.28 -20.03
CA SER A 1153 29.80 -12.79 -21.07
C SER A 1153 30.51 -13.78 -22.00
N PRO A 1154 29.91 -14.94 -22.29
CA PRO A 1154 30.61 -15.96 -23.07
C PRO A 1154 30.68 -15.64 -24.56
N VAL A 1155 30.27 -14.43 -24.93
CA VAL A 1155 30.18 -14.06 -26.33
C VAL A 1155 30.92 -12.73 -26.66
N LYS A 1156 31.71 -12.72 -27.72
CA LYS A 1156 32.44 -11.53 -28.16
C LYS A 1156 31.57 -10.50 -28.89
N ASN A 1157 31.98 -9.24 -28.84
CA ASN A 1157 31.31 -8.19 -29.60
C ASN A 1157 31.90 -8.11 -31.02
N SER A 1158 31.57 -7.06 -31.77
CA SER A 1158 31.99 -6.99 -33.16
C SER A 1158 33.49 -6.71 -33.30
N ASP A 1159 34.13 -6.34 -32.20
CA ASP A 1159 35.54 -5.98 -32.23
C ASP A 1159 36.43 -7.06 -31.63
N GLY A 1160 35.83 -8.08 -31.02
CA GLY A 1160 36.57 -9.29 -30.75
C GLY A 1160 36.75 -9.76 -29.32
N ILE A 1161 36.78 -8.85 -28.36
CA ILE A 1161 36.98 -9.26 -26.97
C ILE A 1161 35.63 -9.21 -26.27
N PHE A 1162 35.44 -10.00 -25.21
CA PHE A 1162 34.17 -9.86 -24.54
C PHE A 1162 34.13 -9.16 -23.20
N TYR A 1163 32.91 -8.95 -22.74
CA TYR A 1163 32.61 -8.04 -21.68
C TYR A 1163 32.87 -8.63 -20.31
N ASP A 1164 33.73 -7.95 -19.55
CA ASP A 1164 33.86 -8.23 -18.13
C ASP A 1164 33.46 -6.97 -17.38
N SER A 1165 32.94 -7.13 -16.17
CA SER A 1165 32.47 -5.98 -15.40
C SER A 1165 33.63 -5.36 -14.64
N ARG A 1166 34.54 -6.23 -14.22
CA ARG A 1166 35.73 -5.85 -13.48
C ARG A 1166 36.69 -4.94 -14.26
N ASN A 1167 36.53 -4.90 -15.57
CA ASN A 1167 37.30 -3.98 -16.39
C ASN A 1167 36.69 -2.60 -16.42
N TYR A 1168 35.53 -2.46 -15.79
CA TYR A 1168 34.90 -1.16 -15.65
C TYR A 1168 34.75 -0.86 -14.15
N GLU A 1169 34.88 -1.91 -13.34
CA GLU A 1169 34.58 -1.90 -11.90
C GLU A 1169 35.17 -0.71 -11.16
N ALA A 1170 36.36 -0.29 -11.57
CA ALA A 1170 36.97 0.91 -11.03
C ALA A 1170 37.25 1.89 -12.14
N GLN A 1171 36.34 2.84 -12.33
CA GLN A 1171 36.58 4.00 -13.16
C GLN A 1171 35.74 5.11 -12.58
N GLU A 1172 35.37 6.10 -13.39
CA GLU A 1172 34.52 7.19 -12.92
C GLU A 1172 33.03 6.91 -13.19
N ASN A 1173 32.57 7.30 -14.38
CA ASN A 1173 31.28 6.87 -14.91
C ASN A 1173 31.58 6.18 -16.24
N ALA A 1174 31.88 4.88 -16.20
CA ALA A 1174 32.34 4.16 -17.39
C ALA A 1174 31.30 4.20 -18.50
N ILE A 1175 31.60 3.62 -19.65
CA ILE A 1175 30.66 3.70 -20.78
C ILE A 1175 29.63 2.56 -20.74
N LEU A 1176 30.05 1.44 -20.14
CA LEU A 1176 29.21 0.29 -19.89
C LEU A 1176 29.05 0.09 -18.37
N PRO A 1177 28.11 -0.76 -17.93
CA PRO A 1177 27.89 -0.99 -16.49
C PRO A 1177 29.13 -1.44 -15.76
N LYS A 1178 29.28 -1.08 -14.48
CA LYS A 1178 30.44 -1.42 -13.63
C LYS A 1178 30.29 -2.70 -12.81
N ASN A 1179 29.06 -3.06 -12.48
CA ASN A 1179 28.76 -4.32 -11.80
C ASN A 1179 27.40 -4.82 -12.29
N ALA A 1180 26.85 -5.84 -11.65
CA ALA A 1180 25.57 -6.36 -12.11
C ALA A 1180 24.41 -5.51 -11.62
N ASP A 1181 24.57 -4.85 -10.49
CA ASP A 1181 23.53 -3.92 -10.04
C ASP A 1181 23.32 -2.82 -11.04
N ALA A 1182 24.43 -2.25 -11.55
CA ALA A 1182 24.34 -1.18 -12.53
C ALA A 1182 23.65 -1.62 -13.82
N ASN A 1183 23.99 -2.84 -14.25
CA ASN A 1183 23.51 -3.36 -15.51
C ASN A 1183 22.00 -3.34 -15.50
N GLY A 1184 21.44 -3.67 -14.35
CA GLY A 1184 20.01 -3.69 -14.18
C GLY A 1184 19.38 -2.31 -14.29
N ALA A 1185 19.93 -1.31 -13.58
CA ALA A 1185 19.43 0.07 -13.76
C ALA A 1185 19.69 0.57 -15.18
N TYR A 1186 20.80 0.16 -15.77
CA TYR A 1186 21.15 0.54 -17.14
C TYR A 1186 20.11 -0.01 -18.10
N ASN A 1187 19.79 -1.28 -17.96
CA ASN A 1187 18.82 -1.87 -18.88
C ASN A 1187 17.36 -1.46 -18.64
N ILE A 1188 17.01 -1.18 -17.40
CA ILE A 1188 15.70 -0.62 -17.17
C ILE A 1188 15.53 0.69 -17.96
N ALA A 1189 16.59 1.49 -18.02
CA ALA A 1189 16.59 2.75 -18.77
C ALA A 1189 16.49 2.55 -20.30
N ARG A 1190 17.23 1.59 -20.84
CA ARG A 1190 17.18 1.30 -22.29
C ARG A 1190 15.79 0.90 -22.80
N LYS A 1191 15.01 0.24 -21.95
CA LYS A 1191 13.65 -0.05 -22.31
C LYS A 1191 12.83 1.20 -22.53
N VAL A 1192 13.09 2.25 -21.72
CA VAL A 1192 12.47 3.54 -21.98
C VAL A 1192 13.00 4.12 -23.28
N LEU A 1193 14.30 3.99 -23.54
CA LEU A 1193 14.81 4.44 -24.86
C LEU A 1193 14.06 3.75 -25.99
N TRP A 1194 13.86 2.44 -25.83
CA TRP A 1194 13.03 1.69 -26.76
C TRP A 1194 11.68 2.37 -26.92
N ALA A 1195 11.04 2.70 -25.80
CA ALA A 1195 9.72 3.35 -25.84
C ALA A 1195 9.79 4.68 -26.56
N ILE A 1196 10.87 5.41 -26.31
CA ILE A 1196 11.05 6.70 -26.95
C ILE A 1196 11.14 6.49 -28.45
N GLY A 1197 11.88 5.46 -28.82
CA GLY A 1197 12.00 5.04 -30.22
C GLY A 1197 10.67 4.80 -30.93
N GLN A 1198 9.69 4.22 -30.23
CA GLN A 1198 8.34 4.05 -30.77
C GLN A 1198 7.64 5.39 -30.98
N PHE A 1199 7.95 6.38 -30.14
CA PHE A 1199 7.27 7.67 -30.27
C PHE A 1199 7.76 8.34 -31.52
N LYS A 1200 9.07 8.23 -31.74
CA LYS A 1200 9.70 8.82 -32.89
C LYS A 1200 9.17 8.25 -34.21
N LYS A 1201 8.39 7.17 -34.14
CA LYS A 1201 7.85 6.49 -35.31
C LYS A 1201 6.41 6.88 -35.57
N ALA A 1202 5.79 7.59 -34.62
CA ALA A 1202 4.35 7.86 -34.71
C ALA A 1202 4.09 9.30 -35.09
N GLU A 1203 2.89 9.58 -35.57
CA GLU A 1203 2.49 10.96 -35.86
C GLU A 1203 2.10 11.62 -34.55
N ASP A 1204 2.25 12.94 -34.49
CA ASP A 1204 1.92 13.73 -33.30
C ASP A 1204 0.58 13.37 -32.63
N GLU A 1205 -0.45 13.17 -33.45
CA GLU A 1205 -1.80 12.91 -32.95
C GLU A 1205 -2.03 11.43 -32.64
N LYS A 1206 -1.04 10.60 -32.91
CA LYS A 1206 -1.17 9.17 -32.62
C LYS A 1206 -0.41 8.80 -31.34
N LEU A 1207 0.44 9.72 -30.88
CA LEU A 1207 1.35 9.49 -29.76
C LEU A 1207 0.64 8.96 -28.54
N ASP A 1208 -0.51 9.55 -28.25
CA ASP A 1208 -1.31 9.13 -27.11
C ASP A 1208 -1.67 7.63 -27.16
N LYS A 1209 -1.69 7.05 -28.36
CA LYS A 1209 -2.09 5.66 -28.55
C LYS A 1209 -0.99 4.60 -28.58
N VAL A 1210 0.25 5.02 -28.86
CA VAL A 1210 1.40 4.11 -28.94
C VAL A 1210 1.55 3.24 -27.69
N LYS A 1211 1.75 1.95 -27.90
CA LYS A 1211 1.95 1.03 -26.80
C LYS A 1211 3.41 1.02 -26.36
N ILE A 1212 3.59 0.85 -25.04
CA ILE A 1212 4.84 1.09 -24.35
C ILE A 1212 5.26 -0.19 -23.61
N ALA A 1213 4.31 -1.10 -23.41
CA ALA A 1213 4.57 -2.40 -22.81
C ALA A 1213 5.49 -3.25 -23.68
N ILE A 1214 6.79 -2.99 -23.61
CA ILE A 1214 7.76 -3.75 -24.39
C ILE A 1214 7.68 -5.25 -24.06
N SER A 1215 7.72 -6.07 -25.11
CA SER A 1215 7.73 -7.53 -24.93
C SER A 1215 9.17 -8.03 -24.95
N ASN A 1216 9.36 -9.23 -24.42
CA ASN A 1216 10.71 -9.79 -24.34
C ASN A 1216 11.36 -9.86 -25.72
N LYS A 1217 10.53 -10.10 -26.72
CA LYS A 1217 10.99 -10.20 -28.09
C LYS A 1217 11.43 -8.84 -28.66
N GLU A 1218 10.63 -7.80 -28.44
CA GLU A 1218 11.05 -6.43 -28.81
C GLU A 1218 12.34 -6.06 -28.08
N TRP A 1219 12.41 -6.38 -26.78
CA TRP A 1219 13.52 -6.01 -25.94
C TRP A 1219 14.81 -6.63 -26.47
N LEU A 1220 14.81 -7.91 -26.71
CA LEU A 1220 16.03 -8.55 -27.17
C LEU A 1220 16.41 -8.08 -28.57
N GLU A 1221 15.43 -7.80 -29.41
CA GLU A 1221 15.72 -7.21 -30.70
C GLU A 1221 16.45 -5.87 -30.53
N TYR A 1222 15.89 -5.02 -29.66
CA TYR A 1222 16.49 -3.73 -29.36
C TYR A 1222 17.86 -3.87 -28.71
N ALA A 1223 17.99 -4.72 -27.70
CA ALA A 1223 19.25 -4.84 -26.98
C ALA A 1223 20.35 -5.35 -27.89
N GLN A 1224 19.98 -6.17 -28.85
CA GLN A 1224 20.97 -6.86 -29.68
C GLN A 1224 21.31 -6.11 -30.99
N THR A 1225 20.42 -5.24 -31.47
CA THR A 1225 20.68 -4.48 -32.69
C THR A 1225 21.21 -3.06 -32.45
N SER A 1226 20.92 -2.51 -31.26
CA SER A 1226 21.21 -1.10 -30.98
C SER A 1226 22.66 -0.87 -30.51
N VAL A 1227 23.22 -1.89 -29.86
CA VAL A 1227 24.62 -1.90 -29.45
C VAL A 1227 25.61 -1.52 -30.57
N LYS A 1228 25.32 -1.93 -31.80
CA LYS A 1228 26.25 -1.79 -32.92
C LYS A 1228 27.53 -2.59 -32.67
#